data_8DP0
#
_entry.id   8DP0
#
_cell.length_a   1.00
_cell.length_b   1.00
_cell.length_c   1.00
_cell.angle_alpha   90.00
_cell.angle_beta   90.00
_cell.angle_gamma   90.00
#
_symmetry.space_group_name_H-M   'P 1'
#
loop_
_entity.id
_entity.type
_entity.pdbx_description
1 polymer 'Phosphatidylinositol 4,5-bisphosphate 3-kinase catalytic subunit gamma isoform'
2 polymer 'Nanobody NB7'
#
loop_
_entity_poly.entity_id
_entity_poly.type
_entity_poly.pdbx_seq_one_letter_code
_entity_poly.pdbx_strand_id
1 'polypeptide(L)'
;MELENYKQPVVLREDNCRRRRRMKPRSAAASLSSMELIPIEFVLPTSQRKCKSPETALLHVAGHGNVEQMKAQVWLRALE
TSVAADFYHRLGPHHFLLLYQKKGQWYEIYDKYQVVQTLDCLRYWKATHRSPGQIHLVQRHPPSEESQAFQRQLTALIGY
DVTDVSNVHDDELEFTRRGLVTPRMAEVASRDPKLYAMHPWVTSKPLPEYLWKKIANNCIFIVIHRSTTSQTIKVSPDDT
PGAILQSFFTKMAKKKSLMDIPESQSEQDFVLRVCGRDEYLVGETPIKNFQWVRHCLKNGEEIHVVLDTPPDPALDEVRK
EEWPLVDDCTGVTGYHEQLTIHGKDHESVFTVSLWDCDRKFRVKIRGIDIPVLPRNTDLTVFVEANIQHGQQVLCQRRTS
PKPFTEEVLWNVWLEFSIKIKDLPKGALLNLQIYCGKAPALSSKASAESPSSESKGKVQLLYYVNLLLIDHRFLLRRGEY
VLHMWQISGKGEDQGSFNADKLTSATNPDKENSMSISILLDNYCHPIALPKHQPTPDPEGDRVRAEMPNQLRKQLEAIIA
TDPLNPLTAEDKELLWHFRYESLKHPKAYPKLFSSVKWGQQEIVAKTYQLLARREVWDQSALDVGLTMQLLDCNFSDENV
RAIAVQKLESLEDDDVLHYLLQLVQAVKFEPYHDSALARFLLKRGLRNKRIGHFLFWFLRSEIAQSRHYQQRFAVILEAY
LRGCGTAMLHDFTQQVQVIEMLQKVTLDIKSLSAEKYDVSSQVISQLKQKLENLQNSQLPESFRVPYDPGLKAGALAIEK
CKVMASKKKPLWLEFKCADPTALSNETIGIIFKHGDDLRQDMLILQILRIMESIWETESLDLCLLPYGCISTGDKIGMIE
IVKDATTIAKIQQSTVGNTGAFKDEVLNHWLKEKSPTEEKFQAAVERFVYSCAGYCVATFVLGIGDRHNDNIMITETGNL
FHIDFGHILGNYKSFLGINKERVPFVLTPDFLFVMGTSGKKTSPHFQKFQDICVKAYLALRHHTNLLIILFSMMLMTGMP
QLTSKEDIEYIRDALTVGKNEEDAKKYFLDQIEVCRDKGWTVQFNWFLHLVLGIKQGEKHSA
;
A
2 'polypeptide(L)'
;QVQLVESGGGLVQPGGSLRLSCAASGSIFSINAMGWYRQAPGKQRELVAHITSGGSTNYADSVKGRFTISRDNAKNTVYL
QMNSLKPEDTAVYYCNEAGDPFLGSTWNGPPAFGSWGQGTQVTVSSHHHHHHEPEA
;
B
#
# COMPACT_ATOMS: atom_id res chain seq x y z
N ILE A 40 17.16 40.05 -19.93
CA ILE A 40 17.04 39.45 -18.61
C ILE A 40 18.24 39.82 -17.75
N GLU A 41 17.98 40.47 -16.61
CA GLU A 41 19.06 40.90 -15.73
C GLU A 41 19.73 39.70 -15.08
N PHE A 42 21.05 39.75 -15.00
CA PHE A 42 21.86 38.68 -14.43
C PHE A 42 22.78 39.24 -13.36
N VAL A 43 22.91 38.50 -12.25
CA VAL A 43 23.81 38.86 -11.17
C VAL A 43 24.98 37.89 -11.20
N LEU A 44 26.18 38.42 -11.41
CA LEU A 44 27.37 37.60 -11.39
C LEU A 44 27.90 37.48 -9.96
N PRO A 45 28.58 36.36 -9.62
CA PRO A 45 29.13 36.20 -8.28
C PRO A 45 30.38 37.05 -8.05
N SER A 53 31.64 39.78 -6.35
CA SER A 53 31.43 40.98 -7.14
C SER A 53 29.98 41.09 -7.61
N PRO A 54 29.17 41.89 -6.91
CA PRO A 54 27.75 42.05 -7.29
C PRO A 54 27.59 42.85 -8.59
N GLU A 55 27.87 42.18 -9.70
CA GLU A 55 27.80 42.77 -11.02
C GLU A 55 26.46 42.42 -11.67
N THR A 56 25.80 43.42 -12.24
CA THR A 56 24.51 43.24 -12.89
C THR A 56 24.70 43.44 -14.39
N ALA A 57 24.63 42.35 -15.14
CA ALA A 57 24.76 42.37 -16.60
C ALA A 57 23.38 42.16 -17.22
N LEU A 58 22.99 43.08 -18.10
CA LEU A 58 21.67 43.05 -18.73
C LEU A 58 21.74 42.24 -20.01
N LEU A 59 21.17 41.03 -19.99
CA LEU A 59 21.02 40.24 -21.18
C LEU A 59 19.69 40.54 -21.86
N HIS A 60 19.40 39.80 -22.92
CA HIS A 60 18.18 39.97 -23.69
C HIS A 60 17.48 38.64 -23.90
N VAL A 61 16.17 38.71 -24.14
CA VAL A 61 15.40 37.49 -24.40
C VAL A 61 15.83 36.93 -25.74
N ALA A 62 16.37 35.71 -25.73
CA ALA A 62 16.90 35.07 -26.94
C ALA A 62 16.01 33.94 -27.43
N GLY A 63 14.70 34.03 -27.20
CA GLY A 63 13.80 33.01 -27.71
C GLY A 63 13.90 31.72 -26.92
N HIS A 64 13.50 30.62 -27.58
CA HIS A 64 13.49 29.31 -26.92
C HIS A 64 14.14 28.21 -27.76
N GLY A 65 14.72 28.54 -28.90
CA GLY A 65 15.29 27.53 -29.77
C GLY A 65 16.77 27.28 -29.53
N ASN A 66 17.08 26.21 -28.78
CA ASN A 66 18.45 25.82 -28.47
C ASN A 66 19.22 26.99 -27.85
N VAL A 67 18.69 27.51 -26.75
CA VAL A 67 19.26 28.70 -26.12
C VAL A 67 19.82 28.30 -24.76
N GLU A 68 20.01 27.01 -24.55
CA GLU A 68 20.65 26.52 -23.32
C GLU A 68 22.16 26.68 -23.37
N GLN A 69 22.70 27.21 -24.46
CA GLN A 69 24.07 27.73 -24.46
C GLN A 69 24.19 29.01 -23.66
N MET A 70 23.12 29.42 -22.98
CA MET A 70 23.17 30.63 -22.16
C MET A 70 24.20 30.49 -21.04
N LYS A 71 24.51 29.25 -20.63
CA LYS A 71 25.62 29.03 -19.72
C LYS A 71 26.92 29.58 -20.33
N ALA A 72 27.22 29.15 -21.55
CA ALA A 72 28.43 29.61 -22.22
C ALA A 72 28.34 31.10 -22.54
N GLN A 73 27.16 31.58 -22.93
CA GLN A 73 27.00 33.00 -23.26
C GLN A 73 27.30 33.87 -22.06
N VAL A 74 26.69 33.55 -20.91
CA VAL A 74 26.93 34.34 -19.70
C VAL A 74 28.37 34.16 -19.21
N TRP A 75 28.93 32.96 -19.36
CA TRP A 75 30.33 32.74 -18.97
C TRP A 75 31.25 33.66 -19.76
N LEU A 76 31.07 33.69 -21.09
CA LEU A 76 31.89 34.57 -21.93
C LEU A 76 31.65 36.04 -21.61
N ARG A 77 30.39 36.40 -21.35
CA ARG A 77 30.10 37.80 -21.02
C ARG A 77 30.80 38.21 -19.74
N ALA A 78 30.76 37.35 -18.71
CA ALA A 78 31.46 37.65 -17.47
C ALA A 78 32.97 37.73 -17.67
N LEU A 79 33.52 36.79 -18.45
CA LEU A 79 34.95 36.79 -18.68
C LEU A 79 35.40 38.05 -19.41
N GLU A 80 34.62 38.49 -20.40
CA GLU A 80 34.98 39.70 -21.14
C GLU A 80 34.79 40.95 -20.31
N THR A 81 33.71 41.01 -19.52
CA THR A 81 33.37 42.21 -18.77
C THR A 81 34.09 42.30 -17.43
N SER A 82 34.87 41.30 -17.06
CA SER A 82 35.56 41.32 -15.77
C SER A 82 36.84 40.50 -15.87
N VAL A 83 37.98 41.14 -15.64
CA VAL A 83 39.25 40.43 -15.60
C VAL A 83 39.30 39.46 -14.44
N ALA A 84 38.55 39.74 -13.36
CA ALA A 84 38.47 38.81 -12.25
C ALA A 84 37.84 37.49 -12.69
N ALA A 85 36.82 37.56 -13.55
CA ALA A 85 36.23 36.35 -14.10
C ALA A 85 37.24 35.59 -14.95
N ASP A 86 38.06 36.31 -15.73
CA ASP A 86 39.11 35.67 -16.51
C ASP A 86 40.09 34.94 -15.61
N PHE A 87 40.49 35.57 -14.50
CA PHE A 87 41.41 34.93 -13.57
C PHE A 87 40.77 33.71 -12.91
N TYR A 88 39.51 33.82 -12.51
CA TYR A 88 38.82 32.72 -11.83
C TYR A 88 38.45 31.59 -12.78
N HIS A 89 38.46 31.84 -14.09
CA HIS A 89 38.20 30.77 -15.05
C HIS A 89 39.18 29.63 -14.90
N ARG A 90 40.42 29.92 -14.54
CA ARG A 90 41.42 28.88 -14.32
C ARG A 90 41.28 28.21 -12.96
N LEU A 91 40.46 28.76 -12.06
CA LEU A 91 40.28 28.19 -10.74
C LEU A 91 38.84 27.84 -10.39
N GLY A 92 37.86 28.30 -11.18
CA GLY A 92 36.47 28.03 -10.89
C GLY A 92 36.10 26.60 -11.22
N PRO A 93 34.92 26.19 -10.74
CA PRO A 93 34.45 24.82 -11.00
C PRO A 93 34.06 24.60 -12.45
N HIS A 94 33.59 23.40 -12.77
CA HIS A 94 33.26 23.06 -14.15
C HIS A 94 32.07 23.89 -14.64
N HIS A 95 31.01 23.98 -13.84
CA HIS A 95 29.78 24.66 -14.23
C HIS A 95 29.24 25.47 -13.05
N PHE A 96 28.26 26.31 -13.34
CA PHE A 96 27.58 27.14 -12.35
C PHE A 96 26.11 26.76 -12.29
N LEU A 97 25.34 27.52 -11.50
CA LEU A 97 23.93 27.27 -11.29
C LEU A 97 23.13 28.53 -11.58
N LEU A 98 21.84 28.35 -11.85
CA LEU A 98 20.91 29.46 -12.05
C LEU A 98 19.88 29.45 -10.92
N LEU A 99 19.71 30.59 -10.27
CA LEU A 99 18.75 30.72 -9.18
C LEU A 99 17.86 31.92 -9.44
N TYR A 100 16.64 31.86 -8.89
CA TYR A 100 15.71 32.97 -8.94
C TYR A 100 14.77 32.84 -7.74
N GLN A 101 13.88 33.82 -7.58
CA GLN A 101 12.99 33.91 -6.43
C GLN A 101 11.57 33.56 -6.86
N LYS A 102 11.08 32.40 -6.45
CA LYS A 102 9.70 32.02 -6.77
C LYS A 102 8.75 32.45 -5.68
N LYS A 103 9.00 32.05 -4.44
CA LYS A 103 8.16 32.41 -3.30
C LYS A 103 9.04 32.80 -2.12
N GLY A 104 10.11 33.55 -2.39
CA GLY A 104 11.09 33.87 -1.37
C GLY A 104 12.17 32.82 -1.28
N GLN A 105 11.82 31.57 -1.55
CA GLN A 105 12.77 30.48 -1.53
C GLN A 105 13.50 30.38 -2.87
N TRP A 106 14.76 29.95 -2.82
CA TRP A 106 15.60 29.83 -4.00
C TRP A 106 15.17 28.64 -4.84
N TYR A 107 14.97 28.86 -6.13
CA TYR A 107 14.70 27.81 -7.09
C TYR A 107 15.91 27.66 -8.01
N GLU A 108 15.98 26.52 -8.70
CA GLU A 108 17.08 26.22 -9.59
C GLU A 108 16.56 25.75 -10.94
N ILE A 109 17.22 26.18 -12.01
CA ILE A 109 16.91 25.71 -13.36
C ILE A 109 17.80 24.48 -13.59
N TYR A 110 17.24 23.31 -13.31
CA TYR A 110 17.98 22.05 -13.40
C TYR A 110 17.62 21.40 -14.73
N ASP A 111 18.21 21.95 -15.80
CA ASP A 111 18.00 21.43 -17.15
C ASP A 111 18.99 22.06 -18.11
N LYS A 112 19.67 21.24 -18.91
CA LYS A 112 20.69 21.71 -19.84
C LYS A 112 20.30 21.44 -21.29
N TYR A 113 19.00 21.29 -21.57
CA TYR A 113 18.54 20.90 -22.90
C TYR A 113 17.92 22.06 -23.67
N GLN A 114 16.89 22.68 -23.11
CA GLN A 114 16.20 23.76 -23.82
C GLN A 114 15.67 24.79 -22.83
N VAL A 115 15.50 26.01 -23.33
CA VAL A 115 14.97 27.11 -22.52
C VAL A 115 13.46 27.02 -22.35
N VAL A 116 12.78 26.23 -23.18
CA VAL A 116 11.34 26.04 -23.03
C VAL A 116 11.02 25.46 -21.66
N GLN A 117 11.96 24.73 -21.05
CA GLN A 117 11.78 24.27 -19.68
C GLN A 117 11.63 25.44 -18.72
N THR A 118 12.35 26.53 -18.97
CA THR A 118 12.33 27.71 -18.12
C THR A 118 11.08 28.56 -18.31
N LEU A 119 10.05 28.03 -18.98
CA LEU A 119 8.83 28.80 -19.14
C LEU A 119 8.14 29.10 -17.82
N ASP A 120 8.40 28.30 -16.78
CA ASP A 120 7.75 28.52 -15.49
C ASP A 120 8.21 29.83 -14.85
N CYS A 121 9.52 30.10 -14.84
CA CYS A 121 10.00 31.34 -14.25
C CYS A 121 9.54 32.55 -15.05
N LEU A 122 9.50 32.41 -16.38
CA LEU A 122 8.99 33.50 -17.22
C LEU A 122 7.51 33.76 -16.94
N ARG A 123 6.73 32.70 -16.77
CA ARG A 123 5.31 32.87 -16.45
C ARG A 123 5.13 33.55 -15.10
N TYR A 124 5.92 33.15 -14.11
CA TYR A 124 5.86 33.81 -12.81
C TYR A 124 6.26 35.28 -12.92
N TRP A 125 7.29 35.56 -13.71
CA TRP A 125 7.78 36.93 -13.85
C TRP A 125 6.72 37.81 -14.52
N LYS A 126 6.04 37.27 -15.54
CA LYS A 126 4.97 38.01 -16.18
C LYS A 126 3.77 38.18 -15.26
N ALA A 127 3.44 37.16 -14.46
CA ALA A 127 2.34 37.27 -13.51
C ALA A 127 2.62 38.36 -12.48
N THR A 128 3.85 38.42 -11.97
CA THR A 128 4.24 39.48 -11.05
C THR A 128 4.47 40.81 -11.76
N HIS A 129 4.40 40.83 -13.09
CA HIS A 129 4.56 42.05 -13.88
C HIS A 129 5.92 42.71 -13.63
N ARG A 130 6.97 41.89 -13.70
CA ARG A 130 8.36 42.36 -13.56
C ARG A 130 9.08 41.96 -14.84
N SER A 131 9.07 42.86 -15.82
CA SER A 131 9.71 42.58 -17.11
C SER A 131 11.19 42.26 -16.98
N PRO A 132 12.02 43.05 -16.26
CA PRO A 132 13.43 42.66 -16.08
C PRO A 132 13.55 41.55 -15.05
N GLY A 133 13.79 40.33 -15.52
CA GLY A 133 13.93 39.19 -14.64
C GLY A 133 15.36 39.06 -14.13
N GLN A 134 15.49 38.59 -12.90
CA GLN A 134 16.79 38.49 -12.24
C GLN A 134 17.19 37.03 -12.10
N ILE A 135 18.37 36.68 -12.62
CA ILE A 135 18.92 35.34 -12.51
C ILE A 135 20.32 35.46 -11.90
N HIS A 136 20.56 34.71 -10.82
CA HIS A 136 21.83 34.74 -10.12
C HIS A 136 22.65 33.51 -10.47
N LEU A 137 23.94 33.70 -10.71
CA LEU A 137 24.87 32.59 -10.90
C LEU A 137 25.56 32.29 -9.58
N VAL A 138 25.58 31.01 -9.20
CA VAL A 138 26.20 30.57 -7.96
C VAL A 138 27.22 29.49 -8.27
N GLN A 139 28.39 29.63 -7.66
CA GLN A 139 29.45 28.65 -7.80
C GLN A 139 29.03 27.29 -7.26
N ARG A 140 29.43 26.23 -7.96
CA ARG A 140 29.11 24.86 -7.56
C ARG A 140 29.99 24.48 -6.37
N HIS A 141 29.56 24.96 -5.20
CA HIS A 141 30.30 24.66 -3.98
C HIS A 141 30.18 23.18 -3.64
N PRO A 142 31.27 22.53 -3.27
CA PRO A 142 31.19 21.15 -2.81
C PRO A 142 30.45 21.07 -1.48
N PRO A 143 29.80 19.93 -1.19
CA PRO A 143 29.08 19.81 0.07
C PRO A 143 30.01 19.88 1.27
N SER A 144 29.51 20.42 2.38
CA SER A 144 30.31 20.56 3.58
C SER A 144 30.51 19.19 4.24
N GLU A 145 31.37 19.16 5.25
CA GLU A 145 31.63 17.91 5.97
C GLU A 145 30.39 17.42 6.69
N GLU A 146 29.60 18.33 7.27
CA GLU A 146 28.37 17.92 7.94
C GLU A 146 27.39 17.31 6.95
N SER A 147 27.27 17.90 5.76
CA SER A 147 26.39 17.33 4.74
C SER A 147 26.85 15.95 4.32
N GLN A 148 28.15 15.76 4.14
CA GLN A 148 28.67 14.45 3.78
C GLN A 148 28.43 13.43 4.88
N ALA A 149 28.61 13.82 6.14
CA ALA A 149 28.34 12.90 7.25
C ALA A 149 26.86 12.53 7.32
N PHE A 150 25.98 13.51 7.10
CA PHE A 150 24.55 13.21 7.08
C PHE A 150 24.19 12.28 5.94
N GLN A 151 24.79 12.48 4.76
CA GLN A 151 24.55 11.59 3.64
C GLN A 151 25.04 10.18 3.94
N ARG A 152 26.19 10.06 4.61
CA ARG A 152 26.71 8.75 4.98
C ARG A 152 25.79 8.06 5.98
N GLN A 153 25.26 8.83 6.96
CA GLN A 153 24.31 8.26 7.90
C GLN A 153 23.04 7.78 7.18
N LEU A 154 22.54 8.57 6.23
CA LEU A 154 21.37 8.16 5.46
C LEU A 154 21.66 6.90 4.65
N THR A 155 22.86 6.81 4.06
CA THR A 155 23.23 5.63 3.30
C THR A 155 23.29 4.40 4.20
N ALA A 156 23.84 4.56 5.40
CA ALA A 156 23.87 3.45 6.35
C ALA A 156 22.47 3.01 6.74
N LEU A 157 21.56 3.96 6.93
CA LEU A 157 20.18 3.61 7.26
C LEU A 157 19.49 2.89 6.11
N ILE A 158 19.64 3.41 4.89
CA ILE A 158 18.96 2.81 3.74
C ILE A 158 19.55 1.46 3.39
N GLY A 159 20.87 1.33 3.46
CA GLY A 159 21.55 0.15 2.99
C GLY A 159 21.90 0.16 1.52
N TYR A 160 21.70 1.28 0.84
CA TYR A 160 22.01 1.42 -0.57
C TYR A 160 22.55 2.82 -0.82
N ASP A 161 23.54 2.93 -1.70
CA ASP A 161 24.18 4.21 -1.99
C ASP A 161 23.41 4.91 -3.09
N VAL A 162 22.60 5.90 -2.70
CA VAL A 162 21.79 6.63 -3.66
C VAL A 162 22.64 7.49 -4.58
N THR A 163 23.80 7.95 -4.11
CA THR A 163 24.65 8.81 -4.90
C THR A 163 25.44 8.06 -5.96
N ASP A 164 25.42 6.73 -5.95
CA ASP A 164 26.14 5.93 -6.93
C ASP A 164 25.42 6.02 -8.27
N VAL A 165 26.19 6.16 -9.35
CA VAL A 165 25.64 6.28 -10.69
C VAL A 165 26.23 5.21 -11.60
N SER A 166 26.62 4.08 -11.02
CA SER A 166 27.28 3.02 -11.76
C SER A 166 26.30 2.05 -12.43
N ASN A 167 25.00 2.19 -12.19
CA ASN A 167 24.00 1.31 -12.75
C ASN A 167 22.84 2.10 -13.34
N VAL A 168 23.14 3.26 -13.91
CA VAL A 168 22.12 4.13 -14.49
C VAL A 168 22.60 4.58 -15.86
N HIS A 169 21.66 4.72 -16.81
CA HIS A 169 21.95 5.27 -18.12
C HIS A 169 21.25 6.61 -18.35
N ASP A 170 20.67 7.20 -17.32
CA ASP A 170 20.04 8.51 -17.40
C ASP A 170 20.09 9.15 -16.02
N ASP A 171 19.45 10.32 -15.90
CA ASP A 171 19.40 11.05 -14.64
C ASP A 171 18.01 11.05 -14.03
N GLU A 172 17.24 9.99 -14.28
CA GLU A 172 15.88 9.92 -13.73
C GLU A 172 15.89 9.88 -12.21
N LEU A 173 16.80 9.10 -11.63
CA LEU A 173 16.84 8.95 -10.17
C LEU A 173 17.32 10.23 -9.50
N GLU A 174 18.34 10.88 -10.06
CA GLU A 174 18.80 12.14 -9.49
C GLU A 174 17.73 13.21 -9.60
N PHE A 175 17.02 13.26 -10.73
CA PHE A 175 15.95 14.23 -10.87
C PHE A 175 14.80 13.92 -9.93
N THR A 176 14.53 12.64 -9.67
CA THR A 176 13.53 12.27 -8.67
C THR A 176 13.95 12.72 -7.29
N ARG A 177 15.23 12.56 -6.95
CA ARG A 177 15.75 13.05 -5.67
C ARG A 177 15.55 14.55 -5.55
N ARG A 178 15.82 15.29 -6.63
CA ARG A 178 15.64 16.74 -6.59
C ARG A 178 14.17 17.12 -6.52
N GLY A 179 13.29 16.34 -7.16
CA GLY A 179 11.88 16.67 -7.21
C GLY A 179 11.09 16.29 -5.97
N LEU A 180 11.55 15.31 -5.21
CA LEU A 180 10.86 14.92 -3.99
C LEU A 180 11.09 15.91 -2.84
N VAL A 181 11.87 16.97 -3.08
CA VAL A 181 12.10 17.96 -2.03
C VAL A 181 10.84 18.77 -1.76
N THR A 182 10.13 19.19 -2.82
CA THR A 182 8.98 20.06 -2.62
C THR A 182 7.86 19.42 -1.81
N PRO A 183 7.44 18.16 -2.06
CA PRO A 183 6.46 17.57 -1.14
C PRO A 183 6.99 17.43 0.27
N ARG A 184 8.28 17.13 0.42
CA ARG A 184 8.89 16.99 1.74
C ARG A 184 8.83 18.31 2.50
N MET A 185 9.22 19.40 1.84
CA MET A 185 9.17 20.71 2.49
C MET A 185 7.74 21.15 2.76
N ALA A 186 6.81 20.82 1.86
CA ALA A 186 5.41 21.16 2.10
C ALA A 186 4.86 20.43 3.31
N GLU A 187 5.22 19.15 3.47
CA GLU A 187 4.74 18.39 4.62
C GLU A 187 5.42 18.84 5.91
N VAL A 188 6.70 19.22 5.84
CA VAL A 188 7.39 19.72 7.02
C VAL A 188 6.80 21.05 7.47
N ALA A 189 6.52 21.94 6.51
CA ALA A 189 5.95 23.24 6.86
C ALA A 189 4.57 23.09 7.47
N SER A 190 3.71 22.25 6.89
CA SER A 190 2.36 22.05 7.38
C SER A 190 2.33 20.88 8.36
N ARG A 191 3.14 21.01 9.40
CA ARG A 191 3.28 19.96 10.41
C ARG A 191 3.01 20.56 11.78
N ASP A 192 1.99 20.04 12.46
CA ASP A 192 1.73 20.48 13.82
C ASP A 192 2.73 19.79 14.76
N PRO A 193 3.55 20.54 15.49
CA PRO A 193 4.63 19.88 16.25
C PRO A 193 4.13 18.94 17.34
N LYS A 194 3.11 19.34 18.10
CA LYS A 194 2.69 18.54 19.24
C LYS A 194 2.08 17.21 18.80
N LEU A 195 1.12 17.25 17.87
CA LEU A 195 0.49 16.02 17.42
C LEU A 195 1.46 15.13 16.66
N TYR A 196 2.38 15.73 15.91
CA TYR A 196 3.40 14.92 15.23
C TYR A 196 4.30 14.23 16.25
N ALA A 197 4.70 14.94 17.30
CA ALA A 197 5.55 14.34 18.33
C ALA A 197 4.82 13.22 19.06
N MET A 198 3.53 13.42 19.35
CA MET A 198 2.79 12.47 20.17
C MET A 198 2.05 11.41 19.36
N HIS A 199 1.84 11.64 18.06
CA HIS A 199 1.22 10.73 17.09
C HIS A 199 0.06 9.93 17.69
N PRO A 200 -1.04 10.57 18.05
CA PRO A 200 -2.19 9.81 18.56
C PRO A 200 -2.72 8.85 17.50
N TRP A 201 -3.13 7.67 17.95
CA TRP A 201 -3.63 6.62 17.08
C TRP A 201 -5.14 6.52 17.28
N VAL A 202 -5.89 7.11 16.34
CA VAL A 202 -7.34 7.21 16.46
C VAL A 202 -8.00 6.72 15.18
N THR A 203 -9.25 6.33 15.32
CA THR A 203 -10.07 5.89 14.19
C THR A 203 -11.43 6.57 14.26
N SER A 204 -12.05 6.77 13.11
CA SER A 204 -13.37 7.38 13.03
C SER A 204 -14.47 6.38 12.79
N LYS A 205 -14.16 5.08 12.74
CA LYS A 205 -15.17 4.07 12.55
C LYS A 205 -16.05 3.94 13.79
N PRO A 206 -17.31 3.56 13.61
CA PRO A 206 -18.16 3.27 14.78
C PRO A 206 -17.64 2.06 15.54
N LEU A 207 -17.88 2.06 16.84
CA LEU A 207 -17.44 0.95 17.68
C LEU A 207 -18.16 -0.33 17.25
N PRO A 208 -17.48 -1.47 17.21
CA PRO A 208 -18.14 -2.71 16.83
C PRO A 208 -19.23 -3.10 17.82
N GLU A 209 -20.20 -3.85 17.33
CA GLU A 209 -21.33 -4.24 18.17
C GLU A 209 -20.89 -5.04 19.39
N TYR A 210 -19.98 -6.00 19.19
CA TYR A 210 -19.47 -6.77 20.31
C TYR A 210 -18.62 -5.92 21.25
N LEU A 211 -18.13 -4.77 20.78
CA LEU A 211 -17.45 -3.82 21.65
C LEU A 211 -18.38 -2.76 22.20
N TRP A 212 -19.42 -2.39 21.43
CA TRP A 212 -20.40 -1.43 21.94
C TRP A 212 -21.21 -2.04 23.08
N LYS A 213 -21.44 -3.35 23.03
CA LYS A 213 -22.16 -4.03 24.12
C LYS A 213 -21.27 -4.23 25.34
N LYS A 214 -19.95 -4.32 25.17
CA LYS A 214 -19.04 -4.59 26.27
C LYS A 214 -18.96 -3.45 27.27
N ILE A 215 -19.44 -2.26 26.93
CA ILE A 215 -19.46 -1.14 27.85
C ILE A 215 -20.58 -1.41 28.86
N ALA A 216 -20.20 -1.65 30.12
CA ALA A 216 -21.12 -2.20 31.10
C ALA A 216 -22.28 -1.25 31.38
N ASN A 217 -21.98 0.00 31.72
CA ASN A 217 -22.99 0.96 32.12
C ASN A 217 -22.73 2.31 31.46
N ASN A 218 -22.39 2.27 30.17
CA ASN A 218 -22.09 3.48 29.40
C ASN A 218 -20.98 4.29 30.07
N CYS A 219 -19.99 3.59 30.62
CA CYS A 219 -18.87 4.21 31.30
C CYS A 219 -17.65 3.32 31.18
N ILE A 220 -16.47 3.95 31.21
CA ILE A 220 -15.20 3.25 31.06
C ILE A 220 -14.33 3.58 32.26
N PHE A 221 -13.73 2.55 32.87
CA PHE A 221 -12.81 2.74 33.98
C PHE A 221 -11.40 2.96 33.45
N ILE A 222 -10.77 4.05 33.89
CA ILE A 222 -9.40 4.38 33.53
C ILE A 222 -8.60 4.55 34.81
N VAL A 223 -7.44 3.89 34.87
CA VAL A 223 -6.55 3.98 36.02
C VAL A 223 -5.42 4.94 35.66
N ILE A 224 -5.29 6.02 36.43
CA ILE A 224 -4.27 7.03 36.21
C ILE A 224 -3.19 6.87 37.27
N HIS A 225 -1.94 6.73 36.83
CA HIS A 225 -0.80 6.54 37.71
C HIS A 225 -0.01 7.84 37.78
N ARG A 226 0.31 8.27 39.00
CA ARG A 226 1.18 9.41 39.25
C ARG A 226 2.16 9.02 40.35
N SER A 227 3.43 8.85 39.98
CA SER A 227 4.49 8.38 40.89
C SER A 227 4.04 7.02 41.42
N THR A 228 3.87 6.85 42.73
CA THR A 228 3.37 5.61 43.29
C THR A 228 1.87 5.62 43.56
N THR A 229 1.19 6.71 43.22
CA THR A 229 -0.24 6.83 43.48
C THR A 229 -1.04 6.36 42.27
N SER A 230 -2.07 5.54 42.53
CA SER A 230 -2.95 5.02 41.49
C SER A 230 -4.39 5.35 41.86
N GLN A 231 -5.09 6.01 40.96
CA GLN A 231 -6.48 6.41 41.17
C GLN A 231 -7.31 6.01 39.96
N THR A 232 -8.44 5.36 40.21
CA THR A 232 -9.33 4.91 39.15
C THR A 232 -10.44 5.94 38.95
N ILE A 233 -10.60 6.41 37.73
CA ILE A 233 -11.59 7.43 37.39
C ILE A 233 -12.55 6.84 36.36
N LYS A 234 -13.85 7.02 36.60
CA LYS A 234 -14.90 6.55 35.70
C LYS A 234 -15.27 7.67 34.75
N VAL A 235 -15.23 7.39 33.45
CA VAL A 235 -15.48 8.40 32.42
C VAL A 235 -16.36 7.80 31.35
N SER A 236 -17.14 8.67 30.68
CA SER A 236 -17.99 8.22 29.60
C SER A 236 -17.19 7.97 28.33
N PRO A 237 -17.64 7.05 27.47
CA PRO A 237 -16.90 6.77 26.23
C PRO A 237 -16.90 7.91 25.22
N ASP A 238 -17.72 8.94 25.42
CA ASP A 238 -17.80 10.06 24.48
C ASP A 238 -17.01 11.27 24.95
N ASP A 239 -16.14 11.11 25.94
CA ASP A 239 -15.37 12.21 26.51
C ASP A 239 -13.98 12.26 25.90
N THR A 240 -13.54 13.46 25.53
CA THR A 240 -12.20 13.65 25.02
C THR A 240 -11.19 13.50 26.16
N PRO A 241 -9.94 13.17 25.84
CA PRO A 241 -8.92 13.07 26.90
C PRO A 241 -8.72 14.36 27.68
N GLY A 242 -8.92 15.52 27.04
CA GLY A 242 -8.86 16.77 27.78
C GLY A 242 -9.92 16.84 28.86
N ALA A 243 -11.13 16.37 28.56
CA ALA A 243 -12.19 16.33 29.57
C ALA A 243 -11.83 15.39 30.71
N ILE A 244 -11.25 14.23 30.38
CA ILE A 244 -10.82 13.28 31.41
C ILE A 244 -9.77 13.92 32.31
N LEU A 245 -8.81 14.62 31.70
CA LEU A 245 -7.75 15.26 32.48
C LEU A 245 -8.31 16.36 33.37
N GLN A 246 -9.24 17.17 32.84
CA GLN A 246 -9.85 18.21 33.66
C GLN A 246 -10.64 17.61 34.82
N SER A 247 -11.37 16.52 34.56
CA SER A 247 -12.10 15.84 35.64
C SER A 247 -11.16 15.31 36.70
N PHE A 248 -10.03 14.72 36.28
CA PHE A 248 -9.06 14.21 37.24
C PHE A 248 -8.47 15.34 38.07
N PHE A 249 -8.15 16.47 37.43
CA PHE A 249 -7.59 17.60 38.17
C PHE A 249 -8.60 18.17 39.15
N THR A 250 -9.87 18.27 38.75
CA THR A 250 -10.89 18.76 39.67
C THR A 250 -11.11 17.79 40.82
N LYS A 251 -10.98 16.49 40.58
CA LYS A 251 -11.10 15.48 41.63
C LYS A 251 -9.75 15.27 42.31
N MET A 252 -9.28 16.34 42.95
CA MET A 252 -7.99 16.32 43.64
C MET A 252 -8.02 15.39 44.84
N GLU A 267 0.40 22.03 37.93
CA GLU A 267 0.02 22.78 36.74
C GLU A 267 -0.90 21.95 35.84
N GLN A 268 -1.32 22.55 34.73
CA GLN A 268 -2.24 21.91 33.80
C GLN A 268 -1.57 21.46 32.51
N ASP A 269 -0.23 21.41 32.48
CA ASP A 269 0.52 20.99 31.30
C ASP A 269 0.90 19.52 31.46
N PHE A 270 -0.07 18.65 31.26
CA PHE A 270 0.13 17.22 31.39
C PHE A 270 -0.68 16.50 30.31
N VAL A 271 -0.28 15.26 30.02
CA VAL A 271 -0.98 14.41 29.07
C VAL A 271 -1.02 12.98 29.61
N LEU A 272 -1.89 12.18 29.01
CA LEU A 272 -2.06 10.78 29.38
C LEU A 272 -1.28 9.90 28.41
N ARG A 273 -0.32 9.14 28.93
CA ARG A 273 0.46 8.20 28.15
C ARG A 273 0.22 6.80 28.66
N VAL A 274 0.09 5.85 27.74
CA VAL A 274 -0.16 4.46 28.12
C VAL A 274 1.03 3.92 28.88
N CYS A 275 0.76 3.31 30.04
CA CYS A 275 1.83 2.80 30.88
C CYS A 275 2.57 1.66 30.19
N GLY A 276 3.89 1.77 30.14
CA GLY A 276 4.71 0.76 29.51
C GLY A 276 4.80 0.86 28.00
N ARG A 277 4.16 1.85 27.39
CA ARG A 277 4.17 1.99 25.94
C ARG A 277 4.36 3.46 25.59
N ASP A 278 4.88 3.68 24.38
CA ASP A 278 5.07 5.04 23.87
C ASP A 278 3.87 5.48 23.03
N GLU A 279 2.70 5.50 23.66
CA GLU A 279 1.46 5.92 23.01
C GLU A 279 0.75 6.93 23.89
N TYR A 280 0.30 8.02 23.28
CA TYR A 280 -0.34 9.12 23.99
C TYR A 280 -1.82 9.20 23.61
N LEU A 281 -2.66 9.42 24.61
CA LEU A 281 -4.09 9.64 24.39
C LEU A 281 -4.32 11.14 24.45
N VAL A 282 -4.13 11.80 23.31
CA VAL A 282 -4.25 13.25 23.19
C VAL A 282 -5.13 13.57 21.98
N GLY A 283 -5.29 14.87 21.73
CA GLY A 283 -6.11 15.33 20.63
C GLY A 283 -7.56 15.53 21.01
N GLU A 284 -8.31 16.06 20.05
CA GLU A 284 -9.74 16.34 20.24
C GLU A 284 -10.53 15.21 19.59
N THR A 285 -10.72 14.13 20.34
CA THR A 285 -11.42 12.95 19.84
C THR A 285 -11.98 12.18 21.03
N PRO A 286 -13.11 11.50 20.88
CA PRO A 286 -13.64 10.71 21.99
C PRO A 286 -12.68 9.60 22.40
N ILE A 287 -12.72 9.26 23.69
CA ILE A 287 -11.82 8.25 24.22
C ILE A 287 -12.10 6.89 23.61
N LYS A 288 -13.33 6.65 23.15
CA LYS A 288 -13.66 5.38 22.51
C LYS A 288 -13.10 5.27 21.11
N ASN A 289 -12.63 6.37 20.52
CA ASN A 289 -12.09 6.35 19.17
C ASN A 289 -10.59 6.08 19.14
N PHE A 290 -9.97 5.82 20.29
CA PHE A 290 -8.55 5.50 20.34
C PHE A 290 -8.33 4.02 20.08
N GLN A 291 -7.36 3.70 19.24
CA GLN A 291 -7.12 2.32 18.87
C GLN A 291 -6.66 1.49 20.08
N TRP A 292 -5.85 2.08 20.95
CA TRP A 292 -5.43 1.34 22.14
C TRP A 292 -6.59 1.13 23.10
N VAL A 293 -7.49 2.10 23.21
CA VAL A 293 -8.67 1.92 24.06
C VAL A 293 -9.54 0.79 23.54
N ARG A 294 -9.74 0.74 22.22
CA ARG A 294 -10.50 -0.36 21.63
C ARG A 294 -9.79 -1.69 21.82
N HIS A 295 -8.46 -1.68 21.72
CA HIS A 295 -7.68 -2.90 21.96
C HIS A 295 -7.86 -3.41 23.37
N CYS A 296 -7.84 -2.50 24.35
CA CYS A 296 -8.02 -2.90 25.74
C CYS A 296 -9.45 -3.35 26.00
N LEU A 297 -10.43 -2.71 25.36
CA LEU A 297 -11.81 -3.14 25.51
C LEU A 297 -12.03 -4.53 24.95
N LYS A 298 -11.45 -4.80 23.77
CA LYS A 298 -11.61 -6.12 23.16
C LYS A 298 -10.98 -7.22 24.01
N ASN A 299 -9.80 -6.95 24.58
CA ASN A 299 -9.12 -7.92 25.40
C ASN A 299 -9.65 -7.98 26.83
N GLY A 300 -10.50 -7.04 27.22
CA GLY A 300 -11.05 -7.04 28.56
C GLY A 300 -10.10 -6.56 29.63
N GLU A 301 -8.93 -6.05 29.24
CA GLU A 301 -7.95 -5.58 30.20
C GLU A 301 -8.25 -4.15 30.62
N GLU A 302 -7.71 -3.78 31.78
CA GLU A 302 -7.90 -2.44 32.33
C GLU A 302 -7.05 -1.43 31.59
N ILE A 303 -7.59 -0.23 31.40
CA ILE A 303 -6.89 0.84 30.71
C ILE A 303 -6.05 1.60 31.74
N HIS A 304 -4.74 1.42 31.67
CA HIS A 304 -3.81 2.08 32.57
C HIS A 304 -3.06 3.16 31.82
N VAL A 305 -3.07 4.38 32.37
CA VAL A 305 -2.36 5.51 31.78
C VAL A 305 -1.55 6.19 32.88
N VAL A 306 -0.56 6.97 32.45
CA VAL A 306 0.31 7.68 33.36
C VAL A 306 0.29 9.15 32.98
N LEU A 307 0.46 10.02 33.99
CA LEU A 307 0.48 11.46 33.78
C LEU A 307 1.92 11.87 33.49
N ASP A 308 2.22 12.07 32.21
CA ASP A 308 3.57 12.35 31.75
C ASP A 308 3.64 13.74 31.13
N THR A 309 4.81 14.33 31.20
CA THR A 309 5.05 15.58 30.49
C THR A 309 5.06 15.31 28.98
N PRO A 310 4.42 16.16 28.19
CA PRO A 310 4.40 15.95 26.73
C PRO A 310 5.80 15.92 26.16
N PRO A 311 6.06 15.06 25.18
CA PRO A 311 7.40 15.01 24.58
C PRO A 311 7.73 16.34 23.91
N ASP A 312 9.01 16.68 23.94
CA ASP A 312 9.46 17.96 23.41
C ASP A 312 9.36 17.98 21.89
N PRO A 313 8.60 18.90 21.29
CA PRO A 313 8.58 18.99 19.83
C PRO A 313 9.92 19.38 19.23
N ALA A 314 10.82 19.96 20.02
CA ALA A 314 12.15 20.32 19.52
C ALA A 314 12.97 19.09 19.20
N LEU A 315 12.64 17.93 19.78
CA LEU A 315 13.37 16.71 19.47
C LEU A 315 13.08 16.21 18.05
N ASP A 316 12.05 16.74 17.40
CA ASP A 316 11.70 16.36 16.03
C ASP A 316 12.21 17.37 15.02
N GLU A 317 13.33 18.03 15.30
CA GLU A 317 13.86 19.05 14.42
C GLU A 317 14.41 18.42 13.13
N VAL A 318 14.17 19.10 12.02
CA VAL A 318 14.63 18.68 10.70
C VAL A 318 15.67 19.69 10.23
N ARG A 319 16.83 19.19 9.82
CA ARG A 319 17.89 20.08 9.35
C ARG A 319 17.49 20.73 8.02
N LYS A 320 18.04 21.92 7.79
CA LYS A 320 17.64 22.72 6.64
C LYS A 320 17.98 22.02 5.33
N GLU A 321 17.09 22.18 4.36
CA GLU A 321 17.30 21.59 3.04
C GLU A 321 18.44 22.30 2.33
N GLU A 322 19.36 21.51 1.77
CA GLU A 322 20.56 22.08 1.16
C GLU A 322 20.40 22.29 -0.35
N TRP A 323 19.47 21.57 -0.97
CA TRP A 323 19.38 21.80 -2.41
C TRP A 323 18.31 22.85 -2.73
N PRO A 324 18.52 23.65 -3.76
CA PRO A 324 17.44 24.53 -4.24
C PRO A 324 16.34 23.72 -4.89
N LEU A 325 15.14 24.31 -4.92
CA LEU A 325 14.00 23.63 -5.50
C LEU A 325 14.16 23.49 -7.01
N VAL A 326 13.61 22.40 -7.56
CA VAL A 326 13.92 21.98 -8.92
C VAL A 326 12.80 22.29 -9.92
N ASP A 327 11.64 22.73 -9.44
CA ASP A 327 10.47 22.97 -10.27
C ASP A 327 9.93 21.66 -10.85
N ASP A 328 9.61 21.64 -12.14
CA ASP A 328 9.00 20.49 -12.77
C ASP A 328 9.66 20.21 -14.11
N CYS A 329 9.53 18.97 -14.57
CA CYS A 329 10.05 18.54 -15.87
C CYS A 329 9.06 18.69 -17.00
N THR A 330 7.86 19.22 -16.72
CA THR A 330 6.86 19.43 -17.76
C THR A 330 7.09 20.70 -18.55
N GLY A 331 8.08 21.50 -18.19
CA GLY A 331 8.38 22.71 -18.95
C GLY A 331 8.89 22.43 -20.34
N VAL A 332 9.66 21.36 -20.53
CA VAL A 332 10.21 21.05 -21.84
C VAL A 332 9.11 20.75 -22.84
N THR A 333 8.02 20.14 -22.39
CA THR A 333 6.92 19.75 -23.26
C THR A 333 5.83 20.81 -23.21
N GLY A 334 5.34 21.20 -24.38
CA GLY A 334 4.24 22.14 -24.47
C GLY A 334 3.09 21.57 -25.26
N TYR A 335 2.20 22.42 -25.75
CA TYR A 335 1.10 21.94 -26.57
C TYR A 335 1.61 21.52 -27.93
N HIS A 336 0.75 20.84 -28.69
CA HIS A 336 1.15 20.35 -30.01
C HIS A 336 1.50 21.51 -30.93
N GLU A 337 0.77 22.61 -30.84
CA GLU A 337 1.07 23.78 -31.66
C GLU A 337 2.44 24.37 -31.32
N GLN A 338 2.78 24.41 -30.03
CA GLN A 338 4.07 24.97 -29.62
C GLN A 338 5.25 24.13 -30.09
N LEU A 339 5.13 22.81 -30.07
CA LEU A 339 6.24 21.93 -30.39
C LEU A 339 6.33 21.57 -31.86
N THR A 340 5.34 21.96 -32.67
CA THR A 340 5.38 21.64 -34.10
C THR A 340 6.05 22.75 -34.88
N THR A 351 13.04 22.08 -31.46
CA THR A 351 12.48 20.79 -31.08
C THR A 351 11.49 20.29 -32.12
N VAL A 352 11.23 18.99 -32.10
CA VAL A 352 10.30 18.35 -33.02
C VAL A 352 9.22 17.67 -32.20
N SER A 353 7.95 17.95 -32.54
CA SER A 353 6.84 17.31 -31.85
C SER A 353 6.81 15.82 -32.15
N LEU A 354 6.52 15.02 -31.13
CA LEU A 354 6.43 13.57 -31.32
C LEU A 354 5.30 13.21 -32.26
N TRP A 355 4.20 13.95 -32.22
CA TRP A 355 3.04 13.66 -33.04
C TRP A 355 3.24 14.01 -34.51
N ASP A 356 4.30 14.75 -34.85
CA ASP A 356 4.56 15.08 -36.25
C ASP A 356 5.16 13.90 -37.01
N CYS A 357 6.02 13.12 -36.38
CA CYS A 357 6.72 12.03 -37.04
C CYS A 357 5.76 10.88 -37.29
N ASP A 358 5.40 10.67 -38.56
CA ASP A 358 4.51 9.59 -38.95
C ASP A 358 5.24 8.31 -39.34
N ARG A 359 6.56 8.28 -39.21
CA ARG A 359 7.31 7.08 -39.52
C ARG A 359 7.07 5.99 -38.48
N LYS A 360 7.28 4.74 -38.88
CA LYS A 360 7.12 3.62 -37.97
C LYS A 360 8.33 3.52 -37.04
N PHE A 361 8.08 2.98 -35.85
CA PHE A 361 9.17 2.77 -34.90
C PHE A 361 10.06 1.62 -35.36
N ARG A 362 11.37 1.78 -35.15
CA ARG A 362 12.34 0.82 -35.62
C ARG A 362 13.48 0.73 -34.63
N VAL A 363 13.98 -0.49 -34.38
CA VAL A 363 15.07 -0.72 -33.44
C VAL A 363 16.05 -1.71 -34.08
N LYS A 364 17.34 -1.47 -33.85
CA LYS A 364 18.39 -2.33 -34.36
C LYS A 364 18.95 -3.18 -33.22
N ILE A 365 18.89 -4.50 -33.38
CA ILE A 365 19.50 -5.42 -32.43
C ILE A 365 20.93 -5.69 -32.89
N ARG A 366 21.90 -4.97 -32.30
CA ARG A 366 23.28 -5.11 -32.73
C ARG A 366 23.83 -6.49 -32.42
N GLY A 367 23.63 -6.97 -31.19
CA GLY A 367 24.16 -8.28 -30.85
C GLY A 367 23.86 -8.63 -29.41
N ILE A 368 24.32 -9.82 -29.03
CA ILE A 368 24.15 -10.39 -27.69
C ILE A 368 25.51 -10.84 -27.19
N ASP A 369 25.86 -10.45 -25.96
CA ASP A 369 27.16 -10.78 -25.40
C ASP A 369 26.97 -11.43 -24.03
N ILE A 370 27.68 -12.53 -23.80
CA ILE A 370 27.68 -13.21 -22.51
C ILE A 370 29.07 -13.79 -22.26
N PRO A 371 29.71 -13.48 -21.13
CA PRO A 371 31.05 -14.03 -20.87
C PRO A 371 31.07 -15.54 -20.72
N VAL A 372 30.15 -16.10 -19.94
CA VAL A 372 30.09 -17.53 -19.68
C VAL A 372 28.75 -18.07 -20.15
N LEU A 373 28.80 -19.06 -21.02
CA LEU A 373 27.58 -19.61 -21.61
C LEU A 373 26.88 -20.53 -20.60
N PRO A 374 25.61 -20.30 -20.31
CA PRO A 374 24.87 -21.27 -19.49
C PRO A 374 24.63 -22.56 -20.25
N ARG A 375 24.46 -23.65 -19.49
CA ARG A 375 24.24 -24.97 -20.06
C ARG A 375 22.78 -25.41 -19.97
N ASN A 376 21.87 -24.49 -19.63
CA ASN A 376 20.46 -24.87 -19.51
C ASN A 376 19.88 -25.29 -20.86
N THR A 377 20.03 -24.45 -21.88
CA THR A 377 19.53 -24.75 -23.21
C THR A 377 20.32 -23.92 -24.22
N ASP A 378 20.62 -24.52 -25.35
CA ASP A 378 21.51 -23.90 -26.34
C ASP A 378 21.07 -24.34 -27.73
N LEU A 379 21.95 -24.15 -28.71
CA LEU A 379 21.86 -24.55 -30.11
C LEU A 379 20.93 -23.65 -30.92
N THR A 380 20.19 -22.75 -30.29
CA THR A 380 19.31 -21.83 -31.02
C THR A 380 18.92 -20.70 -30.09
N VAL A 381 19.02 -19.48 -30.59
CA VAL A 381 18.73 -18.29 -29.79
C VAL A 381 18.25 -17.18 -30.71
N PHE A 382 17.29 -16.38 -30.23
CA PHE A 382 16.82 -15.22 -30.97
C PHE A 382 16.28 -14.20 -29.98
N VAL A 383 16.05 -12.99 -30.48
CA VAL A 383 15.64 -11.85 -29.68
C VAL A 383 14.23 -11.44 -30.07
N GLU A 384 13.37 -11.25 -29.08
CA GLU A 384 12.00 -10.80 -29.28
C GLU A 384 11.86 -9.39 -28.73
N ALA A 385 11.39 -8.47 -29.58
CA ALA A 385 11.19 -7.08 -29.20
C ALA A 385 9.71 -6.78 -29.14
N ASN A 386 9.23 -6.38 -27.97
CA ASN A 386 7.82 -6.10 -27.74
C ASN A 386 7.64 -4.65 -27.32
N ILE A 387 6.66 -3.98 -27.90
CA ILE A 387 6.24 -2.66 -27.45
C ILE A 387 4.93 -2.85 -26.69
N GLN A 388 4.96 -2.59 -25.38
CA GLN A 388 3.79 -2.83 -24.54
C GLN A 388 3.52 -1.62 -23.66
N HIS A 389 2.23 -1.39 -23.39
CA HIS A 389 1.77 -0.31 -22.54
C HIS A 389 0.76 -0.89 -21.56
N GLY A 390 1.23 -1.25 -20.38
CA GLY A 390 0.35 -1.83 -19.37
C GLY A 390 -0.01 -3.27 -19.66
N GLN A 391 1.00 -4.11 -19.89
CA GLN A 391 0.85 -5.54 -20.12
C GLN A 391 0.06 -5.86 -21.38
N GLN A 392 -0.12 -4.89 -22.27
CA GLN A 392 -0.77 -5.10 -23.56
C GLN A 392 0.26 -4.85 -24.64
N VAL A 393 0.63 -5.91 -25.36
CA VAL A 393 1.67 -5.81 -26.38
C VAL A 393 1.07 -5.08 -27.59
N LEU A 394 1.55 -3.86 -27.83
CA LEU A 394 1.07 -3.11 -28.98
C LEU A 394 1.58 -3.70 -30.29
N CYS A 395 2.85 -4.08 -30.33
CA CYS A 395 3.42 -4.75 -31.50
C CYS A 395 4.54 -5.67 -31.05
N GLN A 396 4.87 -6.63 -31.90
CA GLN A 396 5.84 -7.66 -31.58
C GLN A 396 6.67 -8.00 -32.80
N ARG A 397 7.99 -7.90 -32.67
CA ARG A 397 8.94 -8.21 -33.72
C ARG A 397 9.94 -9.23 -33.22
N ARG A 398 10.46 -10.04 -34.16
CA ARG A 398 11.40 -11.10 -33.83
C ARG A 398 12.58 -11.06 -34.78
N THR A 399 13.70 -11.60 -34.31
CA THR A 399 14.90 -11.76 -35.12
C THR A 399 15.05 -13.20 -35.58
N SER A 400 15.83 -13.39 -36.64
CA SER A 400 16.08 -14.74 -37.13
C SER A 400 16.90 -15.52 -36.11
N PRO A 401 16.48 -16.74 -35.78
CA PRO A 401 17.23 -17.54 -34.79
C PRO A 401 18.63 -17.85 -35.28
N LYS A 402 19.58 -17.88 -34.35
CA LYS A 402 20.99 -18.12 -34.63
C LYS A 402 21.54 -19.06 -33.58
N PRO A 403 22.66 -19.73 -33.89
CA PRO A 403 23.26 -20.64 -32.90
C PRO A 403 23.63 -19.91 -31.61
N PHE A 404 23.43 -20.59 -30.49
CA PHE A 404 23.62 -20.01 -29.16
C PHE A 404 25.09 -20.15 -28.78
N THR A 405 25.84 -19.05 -28.89
CA THR A 405 27.26 -19.05 -28.56
C THR A 405 27.61 -17.86 -27.67
N GLU A 406 28.89 -17.62 -27.45
CA GLU A 406 29.32 -16.56 -26.53
C GLU A 406 28.85 -15.19 -27.01
N GLU A 407 28.98 -14.91 -28.30
CA GLU A 407 28.56 -13.64 -28.86
C GLU A 407 27.80 -13.89 -30.14
N VAL A 408 26.57 -13.35 -30.21
CA VAL A 408 25.70 -13.51 -31.37
C VAL A 408 25.50 -12.14 -32.00
N LEU A 409 25.66 -12.06 -33.32
CA LEU A 409 25.56 -10.81 -34.05
C LEU A 409 24.38 -10.88 -35.02
N TRP A 410 23.52 -9.86 -34.97
CA TRP A 410 22.44 -9.70 -35.94
C TRP A 410 22.60 -8.45 -36.80
N ASN A 411 22.69 -7.28 -36.17
CA ASN A 411 22.76 -6.01 -36.89
C ASN A 411 21.60 -5.87 -37.87
N VAL A 412 20.40 -6.20 -37.39
CA VAL A 412 19.18 -6.14 -38.19
C VAL A 412 18.23 -5.14 -37.56
N TRP A 413 17.53 -4.39 -38.41
CA TRP A 413 16.55 -3.41 -37.95
C TRP A 413 15.20 -4.09 -37.81
N LEU A 414 14.63 -4.06 -36.61
CA LEU A 414 13.27 -4.54 -36.38
C LEU A 414 12.31 -3.37 -36.46
N GLU A 415 11.45 -3.37 -37.47
CA GLU A 415 10.50 -2.29 -37.69
C GLU A 415 9.12 -2.75 -37.24
N PHE A 416 8.51 -1.99 -36.33
CA PHE A 416 7.18 -2.30 -35.85
C PHE A 416 6.13 -1.62 -36.72
N SER A 417 4.90 -2.11 -36.61
CA SER A 417 3.76 -1.55 -37.35
C SER A 417 3.17 -0.33 -36.67
N ILE A 418 3.65 0.03 -35.48
CA ILE A 418 3.13 1.17 -34.74
C ILE A 418 3.91 2.42 -35.14
N LYS A 419 3.20 3.53 -35.30
CA LYS A 419 3.84 4.78 -35.64
C LYS A 419 4.64 5.33 -34.45
N ILE A 420 5.62 6.17 -34.77
CA ILE A 420 6.35 6.85 -33.71
C ILE A 420 5.46 7.85 -32.99
N LYS A 421 4.58 8.53 -33.72
CA LYS A 421 3.68 9.49 -33.11
C LYS A 421 2.63 8.83 -32.21
N ASP A 422 2.37 7.54 -32.40
CA ASP A 422 1.37 6.83 -31.62
C ASP A 422 1.92 6.18 -30.36
N LEU A 423 3.21 6.36 -30.08
CA LEU A 423 3.80 5.79 -28.88
C LEU A 423 3.28 6.50 -27.64
N PRO A 424 2.61 5.82 -26.73
CA PRO A 424 2.14 6.48 -25.51
C PRO A 424 3.24 6.56 -24.46
N LYS A 425 3.15 7.61 -23.64
CA LYS A 425 4.09 7.72 -22.53
C LYS A 425 3.89 6.58 -21.55
N GLY A 426 5.00 5.99 -21.11
CA GLY A 426 4.94 4.79 -20.32
C GLY A 426 5.06 3.51 -21.11
N ALA A 427 5.19 3.59 -22.43
CA ALA A 427 5.44 2.41 -23.24
C ALA A 427 6.81 1.84 -22.93
N LEU A 428 6.91 0.52 -22.94
CA LEU A 428 8.12 -0.18 -22.55
C LEU A 428 8.57 -1.04 -23.72
N LEU A 429 9.85 -0.93 -24.09
CA LEU A 429 10.45 -1.80 -25.10
C LEU A 429 11.00 -3.01 -24.39
N ASN A 430 10.27 -4.12 -24.45
CA ASN A 430 10.64 -5.35 -23.75
C ASN A 430 11.47 -6.22 -24.67
N LEU A 431 12.76 -6.33 -24.39
CA LEU A 431 13.66 -7.20 -25.12
C LEU A 431 13.78 -8.52 -24.36
N GLN A 432 13.58 -9.62 -25.06
CA GLN A 432 13.60 -10.95 -24.44
C GLN A 432 14.45 -11.88 -25.27
N ILE A 433 15.15 -12.80 -24.59
CA ILE A 433 15.99 -13.79 -25.25
C ILE A 433 15.33 -15.15 -25.10
N TYR A 434 15.11 -15.83 -26.22
CA TYR A 434 14.50 -17.15 -26.24
C TYR A 434 15.48 -18.18 -26.77
N CYS A 435 15.34 -19.41 -26.29
CA CYS A 435 16.24 -20.49 -26.66
C CYS A 435 15.48 -21.67 -27.23
N GLY A 436 16.18 -22.61 -27.85
CA GLY A 436 15.57 -23.78 -28.43
C GLY A 436 16.54 -24.68 -29.16
N GLN A 459 11.78 -21.66 -22.02
CA GLN A 459 12.21 -21.23 -23.34
C GLN A 459 12.72 -19.78 -23.29
N LEU A 460 12.02 -18.95 -22.52
CA LEU A 460 12.48 -17.58 -22.30
C LEU A 460 13.57 -17.56 -21.25
N LEU A 461 14.68 -16.89 -21.55
CA LEU A 461 15.87 -16.93 -20.73
C LEU A 461 16.19 -15.59 -20.08
N TYR A 462 16.34 -14.53 -20.86
CA TYR A 462 16.73 -13.23 -20.33
C TYR A 462 15.79 -12.16 -20.85
N TYR A 463 15.62 -11.10 -20.05
CA TYR A 463 14.76 -9.99 -20.42
C TYR A 463 15.34 -8.70 -19.87
N VAL A 464 15.01 -7.59 -20.56
CA VAL A 464 15.37 -6.25 -20.11
C VAL A 464 14.39 -5.27 -20.73
N ASN A 465 14.11 -4.20 -20.01
CA ASN A 465 13.14 -3.21 -20.44
C ASN A 465 13.80 -1.85 -20.60
N LEU A 466 13.26 -1.05 -21.52
CA LEU A 466 13.72 0.30 -21.77
C LEU A 466 12.50 1.19 -22.01
N LEU A 467 12.38 2.24 -21.21
CA LEU A 467 11.27 3.19 -21.34
C LEU A 467 11.46 3.99 -22.62
N LEU A 468 10.51 3.87 -23.55
CA LEU A 468 10.66 4.54 -24.83
C LEU A 468 10.64 6.06 -24.67
N ILE A 469 9.79 6.58 -23.80
CA ILE A 469 9.73 8.01 -23.49
C ILE A 469 10.30 8.20 -22.10
N ASP A 470 11.31 9.07 -21.99
CA ASP A 470 11.95 9.30 -20.70
C ASP A 470 11.11 10.24 -19.84
N HIS A 471 11.59 10.48 -18.62
CA HIS A 471 10.88 11.29 -17.64
C HIS A 471 10.65 12.73 -18.10
N ARG A 472 11.44 13.23 -19.04
CA ARG A 472 11.26 14.59 -19.55
C ARG A 472 10.58 14.63 -20.90
N PHE A 473 9.66 13.70 -21.17
CA PHE A 473 8.82 13.69 -22.36
C PHE A 473 9.63 13.67 -23.65
N LEU A 474 10.75 12.96 -23.67
CA LEU A 474 11.63 12.88 -24.83
C LEU A 474 11.76 11.43 -25.28
N LEU A 475 11.80 11.23 -26.59
CA LEU A 475 12.02 9.89 -27.13
C LEU A 475 13.48 9.50 -26.99
N ARG A 476 13.71 8.22 -26.68
CA ARG A 476 15.06 7.72 -26.48
C ARG A 476 15.80 7.60 -27.81
N ARG A 477 17.06 8.03 -27.81
CA ARG A 477 17.89 7.99 -29.01
C ARG A 477 19.28 7.48 -28.64
N GLY A 478 19.97 6.94 -29.63
CA GLY A 478 21.38 6.59 -29.48
C GLY A 478 21.60 5.16 -29.08
N GLU A 479 22.87 4.85 -28.83
CA GLU A 479 23.31 3.52 -28.45
C GLU A 479 22.89 3.20 -27.02
N TYR A 480 22.53 1.95 -26.78
CA TYR A 480 22.18 1.47 -25.45
C TYR A 480 22.72 0.05 -25.29
N VAL A 481 23.50 -0.16 -24.24
CA VAL A 481 24.04 -1.47 -23.91
C VAL A 481 23.47 -1.85 -22.55
N LEU A 482 22.48 -2.72 -22.54
CA LEU A 482 21.72 -3.05 -21.33
C LEU A 482 22.06 -4.46 -20.88
N HIS A 483 22.31 -4.61 -19.58
CA HIS A 483 22.54 -5.92 -18.97
C HIS A 483 21.22 -6.49 -18.50
N MET A 484 20.94 -7.72 -18.90
CA MET A 484 19.61 -8.28 -18.78
C MET A 484 19.45 -9.08 -17.49
N TRP A 485 18.20 -9.36 -17.14
CA TRP A 485 17.84 -10.13 -15.97
C TRP A 485 17.60 -11.58 -16.37
N GLN A 486 18.00 -12.51 -15.51
CA GLN A 486 17.89 -13.93 -15.77
C GLN A 486 16.73 -14.52 -14.97
N ILE A 487 15.84 -15.23 -15.65
CA ILE A 487 14.72 -15.86 -14.97
C ILE A 487 15.19 -17.11 -14.24
N SER A 488 14.84 -17.20 -12.96
CA SER A 488 15.21 -18.33 -12.14
C SER A 488 14.04 -19.30 -11.98
N PHE A 497 3.63 -13.28 -16.10
CA PHE A 497 3.33 -12.01 -15.43
C PHE A 497 4.02 -11.93 -14.07
N ASN A 498 4.78 -10.86 -13.87
CA ASN A 498 5.45 -10.62 -12.60
C ASN A 498 5.85 -9.15 -12.55
N ALA A 499 5.84 -8.59 -11.34
CA ALA A 499 6.25 -7.20 -11.17
C ALA A 499 7.72 -7.02 -11.54
N ASP A 500 8.53 -8.06 -11.33
CA ASP A 500 9.95 -7.98 -11.68
C ASP A 500 10.17 -7.90 -13.18
N LYS A 501 9.19 -8.32 -13.99
CA LYS A 501 9.33 -8.26 -15.44
C LYS A 501 9.00 -6.89 -16.02
N LEU A 502 8.53 -5.95 -15.20
CA LEU A 502 8.16 -4.63 -15.65
C LEU A 502 9.20 -3.57 -15.34
N THR A 503 10.24 -3.91 -14.58
CA THR A 503 11.20 -2.91 -14.15
C THR A 503 12.03 -2.42 -15.33
N SER A 504 12.27 -1.11 -15.34
CA SER A 504 13.15 -0.50 -16.33
C SER A 504 14.60 -0.43 -15.87
N ALA A 505 14.89 -0.98 -14.69
CA ALA A 505 16.25 -1.00 -14.18
C ALA A 505 17.10 -2.03 -14.91
N THR A 506 18.41 -1.80 -14.87
CA THR A 506 19.38 -2.67 -15.52
C THR A 506 20.06 -3.54 -14.47
N ASN A 507 20.47 -4.74 -14.87
CA ASN A 507 21.10 -5.68 -13.96
C ASN A 507 22.41 -5.09 -13.43
N PRO A 508 22.57 -4.95 -12.11
CA PRO A 508 23.81 -4.37 -11.58
C PRO A 508 25.02 -5.26 -11.79
N ASP A 509 24.83 -6.56 -12.03
CA ASP A 509 25.94 -7.50 -12.21
C ASP A 509 26.44 -7.39 -13.64
N LYS A 510 27.32 -6.41 -13.87
CA LYS A 510 27.80 -6.13 -15.22
C LYS A 510 28.75 -7.22 -15.71
N GLU A 511 29.50 -7.84 -14.81
CA GLU A 511 30.55 -8.76 -15.22
C GLU A 511 30.10 -10.21 -15.32
N ASN A 512 28.83 -10.50 -15.04
CA ASN A 512 28.34 -11.88 -15.10
C ASN A 512 27.01 -12.05 -15.82
N SER A 513 26.31 -10.97 -16.16
CA SER A 513 25.02 -11.09 -16.79
C SER A 513 25.13 -10.91 -18.31
N MET A 514 24.08 -11.34 -19.01
CA MET A 514 24.03 -11.15 -20.45
C MET A 514 23.75 -9.69 -20.78
N SER A 515 24.41 -9.20 -21.83
CA SER A 515 24.31 -7.81 -22.25
C SER A 515 23.84 -7.75 -23.69
N ILE A 516 22.92 -6.81 -23.96
CA ILE A 516 22.35 -6.63 -25.29
C ILE A 516 22.67 -5.23 -25.77
N SER A 517 23.15 -5.12 -27.00
CA SER A 517 23.47 -3.84 -27.61
C SER A 517 22.41 -3.51 -28.64
N ILE A 518 21.78 -2.34 -28.49
CA ILE A 518 20.72 -1.91 -29.38
C ILE A 518 21.01 -0.48 -29.83
N LEU A 519 20.36 -0.09 -30.93
CA LEU A 519 20.48 1.25 -31.47
C LEU A 519 19.10 1.78 -31.81
N LEU A 520 18.84 3.03 -31.48
CA LEU A 520 17.59 3.70 -31.81
C LEU A 520 17.88 4.86 -32.75
N ASP A 521 16.91 5.17 -33.63
CA ASP A 521 17.11 6.19 -34.64
C ASP A 521 17.38 7.55 -33.98
N ASN A 522 18.39 8.25 -34.52
CA ASN A 522 18.76 9.57 -34.03
C ASN A 522 18.16 10.66 -34.91
N TYR A 523 18.08 11.86 -34.36
CA TYR A 523 17.51 13.01 -35.06
C TYR A 523 18.35 14.25 -34.76
N CYS A 524 18.33 15.19 -35.70
CA CYS A 524 19.09 16.43 -35.52
C CYS A 524 18.54 17.23 -34.35
N HIS A 525 17.22 17.33 -34.23
CA HIS A 525 16.60 18.03 -33.13
C HIS A 525 15.95 17.02 -32.18
N PRO A 526 15.97 17.28 -30.87
CA PRO A 526 15.30 16.37 -29.93
C PRO A 526 13.80 16.32 -30.21
N ILE A 527 13.23 15.13 -30.04
CA ILE A 527 11.81 14.90 -30.28
C ILE A 527 11.11 14.83 -28.94
N ALA A 528 10.18 15.76 -28.71
CA ALA A 528 9.51 15.91 -27.43
C ALA A 528 8.03 15.57 -27.58
N LEU A 529 7.54 14.73 -26.67
CA LEU A 529 6.12 14.39 -26.64
C LEU A 529 5.33 15.61 -26.17
N PRO A 530 4.31 16.04 -26.91
CA PRO A 530 3.53 17.21 -26.47
C PRO A 530 2.79 16.95 -25.17
N LYS A 531 2.24 18.02 -24.61
CA LYS A 531 1.53 17.92 -23.34
C LYS A 531 0.31 17.01 -23.46
N HIS A 532 -0.13 16.49 -22.32
CA HIS A 532 -1.20 15.48 -22.32
C HIS A 532 -2.46 15.99 -23.00
N GLN A 533 -2.95 17.16 -22.59
CA GLN A 533 -4.15 17.73 -23.18
C GLN A 533 -4.25 19.20 -22.85
N PRO A 534 -4.37 20.07 -23.86
CA PRO A 534 -4.46 21.51 -23.58
C PRO A 534 -5.69 21.91 -22.79
N THR A 535 -6.88 21.57 -23.30
CA THR A 535 -8.14 21.93 -22.66
C THR A 535 -9.29 21.18 -23.33
N PRO A 536 -10.32 20.78 -22.57
CA PRO A 536 -11.50 20.12 -23.15
C PRO A 536 -12.53 21.09 -23.72
N ASP A 537 -12.06 22.09 -24.47
CA ASP A 537 -12.96 23.06 -25.06
C ASP A 537 -13.93 22.45 -26.06
N PRO A 538 -13.50 21.64 -27.04
CA PRO A 538 -14.48 21.06 -27.98
C PRO A 538 -15.38 20.01 -27.36
N GLU A 539 -15.06 19.52 -26.16
CA GLU A 539 -15.75 18.47 -25.44
C GLU A 539 -15.66 17.11 -26.14
N GLY A 540 -14.94 17.02 -27.25
CA GLY A 540 -14.80 15.75 -27.95
C GLY A 540 -16.10 15.20 -28.50
N ASP A 541 -17.06 16.07 -28.78
CA ASP A 541 -18.38 15.67 -29.28
C ASP A 541 -19.04 14.67 -28.34
N ARG A 542 -19.32 15.14 -27.12
CA ARG A 542 -20.00 14.31 -26.14
C ARG A 542 -21.40 13.93 -26.64
N VAL A 543 -21.79 12.69 -26.37
CA VAL A 543 -23.04 12.14 -26.89
C VAL A 543 -24.22 12.88 -26.30
N ARG A 544 -25.24 13.11 -27.13
CA ARG A 544 -26.50 13.73 -26.70
C ARG A 544 -27.66 12.75 -26.67
N ALA A 545 -27.76 11.87 -27.65
CA ALA A 545 -28.87 10.93 -27.71
C ALA A 545 -28.78 9.92 -26.57
N GLU A 546 -29.93 9.60 -25.98
CA GLU A 546 -29.98 8.62 -24.90
C GLU A 546 -29.80 7.21 -25.45
N MET A 547 -29.15 6.38 -24.65
CA MET A 547 -28.94 4.99 -25.03
C MET A 547 -30.28 4.25 -25.14
N PRO A 548 -30.41 3.37 -26.13
CA PRO A 548 -31.53 2.43 -26.12
C PRO A 548 -31.55 1.64 -24.83
N ASN A 549 -32.77 1.20 -24.45
CA ASN A 549 -32.93 0.50 -23.18
C ASN A 549 -32.10 -0.78 -23.13
N GLN A 550 -32.14 -1.57 -24.20
CA GLN A 550 -31.38 -2.82 -24.21
C GLN A 550 -29.88 -2.56 -24.15
N LEU A 551 -29.40 -1.53 -24.85
CA LEU A 551 -27.99 -1.17 -24.77
C LEU A 551 -27.63 -0.70 -23.36
N ARG A 552 -28.53 0.04 -22.71
CA ARG A 552 -28.31 0.43 -21.34
C ARG A 552 -28.19 -0.78 -20.42
N LYS A 553 -29.05 -1.78 -20.63
CA LYS A 553 -28.97 -3.00 -19.84
C LYS A 553 -27.65 -3.72 -20.07
N GLN A 554 -27.21 -3.80 -21.33
CA GLN A 554 -25.92 -4.44 -21.62
C GLN A 554 -24.77 -3.70 -20.93
N LEU A 555 -24.77 -2.38 -21.01
CA LEU A 555 -23.70 -1.61 -20.36
C LEU A 555 -23.73 -1.79 -18.85
N GLU A 556 -24.93 -1.81 -18.25
CA GLU A 556 -25.04 -2.02 -16.82
C GLU A 556 -24.52 -3.39 -16.42
N ALA A 557 -24.85 -4.42 -17.20
CA ALA A 557 -24.37 -5.77 -16.92
C ALA A 557 -22.85 -5.84 -17.04
N ILE A 558 -22.28 -5.15 -18.03
CA ILE A 558 -20.83 -5.12 -18.18
C ILE A 558 -20.19 -4.46 -16.97
N ILE A 559 -20.77 -3.34 -16.52
CA ILE A 559 -20.22 -2.63 -15.36
C ILE A 559 -20.31 -3.48 -14.10
N ALA A 560 -21.40 -4.23 -13.95
CA ALA A 560 -21.64 -4.99 -12.74
C ALA A 560 -20.75 -6.22 -12.61
N THR A 561 -20.00 -6.59 -13.65
CA THR A 561 -19.20 -7.80 -13.58
C THR A 561 -17.95 -7.59 -12.72
N ASP A 562 -17.34 -8.73 -12.37
CA ASP A 562 -16.17 -8.72 -11.51
C ASP A 562 -14.93 -8.23 -12.25
N PRO A 563 -13.90 -7.78 -11.53
CA PRO A 563 -12.69 -7.28 -12.20
C PRO A 563 -12.02 -8.31 -13.10
N LEU A 564 -12.07 -9.60 -12.75
CA LEU A 564 -11.39 -10.62 -13.52
C LEU A 564 -12.18 -11.10 -14.72
N ASN A 565 -13.40 -10.61 -14.91
CA ASN A 565 -14.20 -11.02 -16.05
C ASN A 565 -13.62 -10.42 -17.33
N PRO A 566 -13.25 -11.22 -18.31
CA PRO A 566 -12.68 -10.66 -19.55
C PRO A 566 -13.72 -9.87 -20.33
N LEU A 567 -13.24 -8.88 -21.06
CA LEU A 567 -14.09 -8.02 -21.88
C LEU A 567 -13.94 -8.44 -23.34
N THR A 568 -15.07 -8.73 -23.98
CA THR A 568 -15.05 -9.05 -25.40
C THR A 568 -14.82 -7.77 -26.22
N ALA A 569 -14.56 -7.95 -27.52
CA ALA A 569 -14.39 -6.80 -28.40
C ALA A 569 -15.66 -5.98 -28.47
N GLU A 570 -16.81 -6.64 -28.51
CA GLU A 570 -18.09 -5.92 -28.50
C GLU A 570 -18.28 -5.17 -27.19
N ASP A 571 -17.89 -5.78 -26.07
CA ASP A 571 -18.00 -5.10 -24.77
C ASP A 571 -17.13 -3.85 -24.74
N LYS A 572 -15.88 -3.96 -25.23
CA LYS A 572 -14.99 -2.81 -25.25
C LYS A 572 -15.53 -1.72 -26.17
N GLU A 573 -16.07 -2.11 -27.33
CA GLU A 573 -16.63 -1.13 -28.26
C GLU A 573 -17.82 -0.41 -27.65
N LEU A 574 -18.69 -1.16 -26.96
CA LEU A 574 -19.84 -0.53 -26.30
C LEU A 574 -19.39 0.41 -25.19
N LEU A 575 -18.38 0.00 -24.42
CA LEU A 575 -17.88 0.86 -23.35
C LEU A 575 -17.28 2.15 -23.90
N TRP A 576 -16.51 2.06 -24.98
CA TRP A 576 -15.85 3.25 -25.51
C TRP A 576 -16.82 4.15 -26.24
N HIS A 577 -17.74 3.58 -27.03
CA HIS A 577 -18.66 4.41 -27.81
C HIS A 577 -19.59 5.21 -26.91
N PHE A 578 -19.84 4.72 -25.70
CA PHE A 578 -20.68 5.39 -24.72
C PHE A 578 -19.86 5.78 -23.49
N ARG A 579 -18.67 6.32 -23.73
CA ARG A 579 -17.76 6.68 -22.65
C ARG A 579 -18.34 7.77 -21.76
N TYR A 580 -19.00 8.77 -22.35
CA TYR A 580 -19.58 9.86 -21.57
C TYR A 580 -20.72 9.38 -20.70
N GLU A 581 -21.44 8.34 -21.11
CA GLU A 581 -22.41 7.71 -20.25
C GLU A 581 -21.77 6.83 -19.18
N SER A 582 -20.61 6.23 -19.49
CA SER A 582 -19.90 5.41 -18.53
C SER A 582 -19.21 6.24 -17.46
N LEU A 583 -18.95 7.52 -17.73
CA LEU A 583 -18.36 8.38 -16.70
C LEU A 583 -19.28 8.53 -15.50
N LYS A 584 -20.59 8.52 -15.72
CA LYS A 584 -21.54 8.70 -14.62
C LYS A 584 -21.48 7.55 -13.61
N HIS A 585 -20.87 6.43 -13.97
CA HIS A 585 -20.75 5.29 -13.08
C HIS A 585 -19.29 5.04 -12.75
N PRO A 586 -18.83 5.40 -11.55
CA PRO A 586 -17.40 5.22 -11.23
C PRO A 586 -16.95 3.77 -11.26
N LYS A 587 -17.86 2.81 -11.08
CA LYS A 587 -17.46 1.41 -11.08
C LYS A 587 -16.96 0.97 -12.45
N ALA A 588 -17.28 1.72 -13.50
CA ALA A 588 -16.92 1.37 -14.86
C ALA A 588 -15.55 1.91 -15.28
N TYR A 589 -14.89 2.70 -14.44
CA TYR A 589 -13.64 3.33 -14.85
C TYR A 589 -12.55 2.33 -15.21
N PRO A 590 -12.27 1.29 -14.41
CA PRO A 590 -11.26 0.30 -14.87
C PRO A 590 -11.63 -0.36 -16.19
N LYS A 591 -12.90 -0.68 -16.38
CA LYS A 591 -13.33 -1.29 -17.63
C LYS A 591 -13.34 -0.28 -18.77
N LEU A 592 -13.74 0.96 -18.48
CA LEU A 592 -13.75 1.98 -19.52
C LEU A 592 -12.34 2.27 -20.02
N PHE A 593 -11.37 2.34 -19.10
CA PHE A 593 -9.99 2.59 -19.49
C PHE A 593 -9.28 1.34 -19.98
N SER A 594 -9.83 0.15 -19.70
CA SER A 594 -9.31 -1.07 -20.31
C SER A 594 -9.75 -1.22 -21.76
N SER A 595 -10.77 -0.48 -22.17
CA SER A 595 -11.23 -0.49 -23.55
C SER A 595 -10.58 0.59 -24.41
N VAL A 596 -9.66 1.37 -23.85
CA VAL A 596 -8.98 2.41 -24.60
C VAL A 596 -7.85 1.78 -25.41
N LYS A 597 -7.82 2.08 -26.70
CA LYS A 597 -6.74 1.63 -27.57
C LYS A 597 -5.59 2.62 -27.40
N TRP A 598 -4.66 2.27 -26.50
CA TRP A 598 -3.55 3.15 -26.16
C TRP A 598 -2.55 3.31 -27.29
N GLY A 599 -2.65 2.51 -28.34
CA GLY A 599 -1.75 2.61 -29.47
C GLY A 599 -2.11 3.63 -30.51
N GLN A 600 -3.13 4.46 -30.26
CA GLN A 600 -3.54 5.51 -31.18
C GLN A 600 -3.54 6.84 -30.44
N GLN A 601 -2.89 7.84 -31.04
CA GLN A 601 -2.76 9.14 -30.39
C GLN A 601 -4.12 9.82 -30.21
N GLU A 602 -4.98 9.74 -31.23
CA GLU A 602 -6.28 10.39 -31.14
C GLU A 602 -7.16 9.78 -30.06
N ILE A 603 -7.12 8.46 -29.90
CA ILE A 603 -7.91 7.83 -28.85
C ILE A 603 -7.39 8.23 -27.47
N VAL A 604 -6.07 8.35 -27.33
CA VAL A 604 -5.50 8.81 -26.07
C VAL A 604 -5.93 10.25 -25.78
N ALA A 605 -5.94 11.09 -26.81
CA ALA A 605 -6.39 12.47 -26.63
C ALA A 605 -7.86 12.51 -26.21
N LYS A 606 -8.69 11.65 -26.83
CA LYS A 606 -10.10 11.58 -26.43
C LYS A 606 -10.23 11.12 -24.99
N THR A 607 -9.43 10.15 -24.57
CA THR A 607 -9.47 9.69 -23.18
C THR A 607 -9.06 10.80 -22.23
N TYR A 608 -8.05 11.59 -22.60
CA TYR A 608 -7.60 12.69 -21.76
C TYR A 608 -8.68 13.76 -21.66
N GLN A 609 -9.35 14.06 -22.78
CA GLN A 609 -10.49 14.97 -22.73
C GLN A 609 -11.59 14.42 -21.82
N LEU A 610 -11.83 13.12 -21.90
CA LEU A 610 -12.86 12.48 -21.10
C LEU A 610 -12.56 12.60 -19.61
N LEU A 611 -11.31 12.37 -19.23
CA LEU A 611 -10.91 12.43 -17.82
C LEU A 611 -10.59 13.85 -17.35
N ALA A 612 -10.57 14.83 -18.25
CA ALA A 612 -10.41 16.21 -17.81
C ALA A 612 -11.72 16.79 -17.26
N ARG A 613 -12.85 16.13 -17.53
CA ARG A 613 -14.16 16.58 -17.09
C ARG A 613 -14.76 15.65 -16.05
N ARG A 614 -13.92 14.98 -15.28
CA ARG A 614 -14.38 14.03 -14.27
C ARG A 614 -14.92 14.78 -13.06
N GLU A 615 -16.24 14.85 -12.97
CA GLU A 615 -16.88 15.38 -11.79
C GLU A 615 -17.55 14.30 -10.96
N VAL A 616 -18.35 13.44 -11.58
CA VAL A 616 -18.99 12.34 -10.86
C VAL A 616 -17.96 11.52 -10.12
N TRP A 617 -16.78 11.35 -10.71
CA TRP A 617 -15.69 10.68 -10.00
C TRP A 617 -15.17 11.50 -8.84
N ASP A 618 -15.08 12.82 -8.99
CA ASP A 618 -14.50 13.66 -7.94
C ASP A 618 -15.35 13.62 -6.67
N GLN A 619 -16.66 13.75 -6.80
CA GLN A 619 -17.52 13.65 -5.62
C GLN A 619 -17.86 12.22 -5.25
N SER A 620 -17.41 11.23 -6.01
CA SER A 620 -17.74 9.85 -5.70
C SER A 620 -17.13 9.43 -4.37
N ALA A 621 -17.79 8.51 -3.68
CA ALA A 621 -17.26 7.98 -2.44
C ALA A 621 -16.00 7.17 -2.69
N LEU A 622 -15.08 7.21 -1.73
CA LEU A 622 -13.83 6.48 -1.87
C LEU A 622 -14.07 4.98 -1.76
N ASP A 623 -13.77 4.26 -2.84
CA ASP A 623 -13.84 2.81 -2.87
C ASP A 623 -12.41 2.28 -2.97
N VAL A 624 -11.99 1.52 -1.96
CA VAL A 624 -10.59 1.10 -1.91
C VAL A 624 -10.28 0.10 -3.01
N GLY A 625 -11.16 -0.89 -3.23
CA GLY A 625 -10.90 -1.88 -4.25
C GLY A 625 -10.81 -1.28 -5.64
N LEU A 626 -11.68 -0.31 -5.94
CA LEU A 626 -11.66 0.33 -7.25
C LEU A 626 -10.36 1.10 -7.47
N THR A 627 -9.93 1.84 -6.45
CA THR A 627 -8.69 2.62 -6.56
C THR A 627 -7.48 1.70 -6.72
N MET A 628 -7.42 0.60 -5.96
CA MET A 628 -6.32 -0.33 -6.13
C MET A 628 -6.37 -1.00 -7.50
N GLN A 629 -7.58 -1.23 -8.03
CA GLN A 629 -7.69 -1.70 -9.40
C GLN A 629 -7.07 -0.71 -10.38
N LEU A 630 -7.31 0.59 -10.17
CA LEU A 630 -6.74 1.59 -11.06
C LEU A 630 -5.23 1.72 -10.91
N LEU A 631 -4.64 1.14 -9.86
CA LEU A 631 -3.20 1.17 -9.65
C LEU A 631 -2.52 -0.14 -10.02
N ASP A 632 -3.24 -1.06 -10.65
CA ASP A 632 -2.70 -2.38 -10.96
C ASP A 632 -1.76 -2.30 -12.16
N CYS A 633 -1.27 -3.46 -12.59
CA CYS A 633 -0.38 -3.59 -13.74
C CYS A 633 -1.07 -3.29 -15.05
N ASN A 634 -2.39 -3.26 -15.08
CA ASN A 634 -3.13 -3.07 -16.32
C ASN A 634 -3.27 -1.61 -16.71
N PHE A 635 -2.76 -0.69 -15.90
CA PHE A 635 -2.89 0.74 -16.15
C PHE A 635 -1.50 1.37 -16.05
N SER A 636 -0.92 1.70 -17.19
CA SER A 636 0.39 2.32 -17.27
C SER A 636 0.32 3.81 -17.56
N ASP A 637 -0.88 4.36 -17.73
CA ASP A 637 -1.03 5.79 -18.01
C ASP A 637 -0.94 6.58 -16.71
N GLU A 638 -0.25 7.72 -16.77
CA GLU A 638 0.01 8.50 -15.58
C GLU A 638 -1.27 9.11 -15.03
N ASN A 639 -2.19 9.53 -15.89
CA ASN A 639 -3.37 10.26 -15.42
C ASN A 639 -4.32 9.36 -14.64
N VAL A 640 -4.47 8.10 -15.07
CA VAL A 640 -5.28 7.16 -14.32
C VAL A 640 -4.69 6.93 -12.93
N ARG A 641 -3.36 6.81 -12.87
CA ARG A 641 -2.70 6.69 -11.58
C ARG A 641 -2.95 7.91 -10.71
N ALA A 642 -2.88 9.10 -11.30
CA ALA A 642 -3.11 10.33 -10.53
C ALA A 642 -4.54 10.37 -10.00
N ILE A 643 -5.50 9.91 -10.80
CA ILE A 643 -6.89 9.80 -10.36
C ILE A 643 -7.00 8.87 -9.16
N ALA A 644 -6.36 7.71 -9.25
CA ALA A 644 -6.41 6.77 -8.13
C ALA A 644 -5.79 7.35 -6.88
N VAL A 645 -4.67 8.07 -7.03
CA VAL A 645 -4.00 8.65 -5.87
C VAL A 645 -4.82 9.77 -5.26
N GLN A 646 -5.45 10.61 -6.09
CA GLN A 646 -6.25 11.70 -5.52
C GLN A 646 -7.46 11.14 -4.79
N LYS A 647 -8.01 10.02 -5.26
CA LYS A 647 -9.04 9.35 -4.45
C LYS A 647 -8.46 8.80 -3.15
N LEU A 648 -7.26 8.22 -3.20
CA LEU A 648 -6.64 7.69 -1.98
C LEU A 648 -6.33 8.79 -0.98
N GLU A 649 -6.22 10.04 -1.46
CA GLU A 649 -5.79 11.14 -0.60
C GLU A 649 -6.79 11.46 0.51
N SER A 650 -8.01 10.93 0.43
CA SER A 650 -9.04 11.18 1.43
C SER A 650 -9.05 10.13 2.53
N LEU A 651 -8.04 9.28 2.57
CA LEU A 651 -7.93 8.25 3.59
C LEU A 651 -7.56 8.86 4.94
N GLU A 652 -7.82 8.12 6.02
CA GLU A 652 -7.33 8.48 7.33
C GLU A 652 -6.10 7.64 7.66
N ASP A 653 -5.41 8.02 8.73
CA ASP A 653 -4.10 7.42 9.02
C ASP A 653 -4.22 5.92 9.28
N ASP A 654 -5.22 5.51 10.05
CA ASP A 654 -5.41 4.08 10.31
C ASP A 654 -5.73 3.34 9.02
N ASP A 655 -6.56 3.94 8.16
CA ASP A 655 -6.90 3.31 6.89
C ASP A 655 -5.67 3.14 6.01
N VAL A 656 -4.79 4.16 5.98
CA VAL A 656 -3.54 4.03 5.25
C VAL A 656 -2.68 2.93 5.85
N LEU A 657 -2.62 2.85 7.18
CA LEU A 657 -1.85 1.79 7.83
C LEU A 657 -2.38 0.42 7.48
N HIS A 658 -3.67 0.30 7.20
CA HIS A 658 -4.23 -0.99 6.79
C HIS A 658 -3.72 -1.41 5.42
N TYR A 659 -3.53 -0.47 4.50
CA TYR A 659 -3.16 -0.77 3.13
C TYR A 659 -1.80 -0.21 2.76
N LEU A 660 -0.90 -0.03 3.74
CA LEU A 660 0.39 0.59 3.45
C LEU A 660 1.29 -0.35 2.65
N LEU A 661 1.37 -1.62 3.04
CA LEU A 661 2.22 -2.57 2.32
C LEU A 661 1.74 -2.78 0.89
N GLN A 662 0.42 -2.82 0.69
CA GLN A 662 -0.11 -2.99 -0.65
C GLN A 662 0.27 -1.81 -1.55
N LEU A 663 0.21 -0.58 -1.02
CA LEU A 663 0.60 0.58 -1.81
C LEU A 663 2.10 0.59 -2.08
N VAL A 664 2.90 0.21 -1.09
CA VAL A 664 4.34 0.13 -1.30
C VAL A 664 4.66 -0.86 -2.41
N GLN A 665 3.98 -2.01 -2.42
CA GLN A 665 4.16 -2.97 -3.50
C GLN A 665 3.66 -2.42 -4.83
N ALA A 666 2.54 -1.69 -4.81
CA ALA A 666 1.98 -1.12 -6.03
C ALA A 666 2.88 -0.04 -6.63
N VAL A 667 3.78 0.53 -5.84
CA VAL A 667 4.75 1.48 -6.38
C VAL A 667 5.57 0.82 -7.48
N LYS A 668 5.75 -0.50 -7.42
CA LYS A 668 6.49 -1.21 -8.46
C LYS A 668 5.81 -1.07 -9.82
N PHE A 669 4.48 -0.99 -9.85
CA PHE A 669 3.75 -0.91 -11.10
C PHE A 669 3.86 0.46 -11.77
N GLU A 670 4.44 1.44 -11.11
CA GLU A 670 4.57 2.76 -11.71
C GLU A 670 5.67 2.74 -12.77
N PRO A 671 5.37 3.16 -14.00
CA PRO A 671 6.41 3.17 -15.05
C PRO A 671 7.58 4.07 -14.72
N TYR A 672 7.36 5.17 -14.00
CA TYR A 672 8.38 6.16 -13.74
C TYR A 672 8.65 6.27 -12.24
N HIS A 673 9.88 6.70 -11.91
CA HIS A 673 10.29 6.79 -10.51
C HIS A 673 9.47 7.83 -9.76
N ASP A 674 9.31 9.02 -10.34
CA ASP A 674 8.62 10.12 -9.67
C ASP A 674 7.13 10.05 -10.04
N SER A 675 6.39 9.30 -9.23
CA SER A 675 4.98 9.06 -9.46
C SER A 675 4.15 9.74 -8.37
N ALA A 676 2.85 9.82 -8.62
CA ALA A 676 1.94 10.38 -7.63
C ALA A 676 1.81 9.48 -6.41
N LEU A 677 1.89 8.16 -6.61
CA LEU A 677 1.83 7.23 -5.48
C LEU A 677 3.04 7.42 -4.55
N ALA A 678 4.22 7.63 -5.13
CA ALA A 678 5.40 7.88 -4.30
C ALA A 678 5.24 9.16 -3.49
N ARG A 679 4.74 10.22 -4.12
CA ARG A 679 4.50 11.47 -3.40
C ARG A 679 3.48 11.27 -2.28
N PHE A 680 2.42 10.53 -2.56
CA PHE A 680 1.39 10.29 -1.55
C PHE A 680 1.97 9.52 -0.36
N LEU A 681 2.74 8.46 -0.64
CA LEU A 681 3.34 7.70 0.45
C LEU A 681 4.30 8.54 1.26
N LEU A 682 5.12 9.36 0.58
CA LEU A 682 6.05 10.22 1.30
C LEU A 682 5.31 11.21 2.18
N LYS A 683 4.25 11.83 1.66
CA LYS A 683 3.51 12.82 2.42
C LYS A 683 2.83 12.19 3.63
N ARG A 684 2.19 11.04 3.44
CA ARG A 684 1.51 10.39 4.56
C ARG A 684 2.46 9.78 5.56
N GLY A 685 3.69 9.43 5.15
CA GLY A 685 4.69 9.01 6.12
C GLY A 685 5.29 10.17 6.89
N LEU A 686 5.39 11.34 6.25
CA LEU A 686 5.86 12.51 6.97
C LEU A 686 4.79 13.09 7.88
N ARG A 687 3.52 12.85 7.58
CA ARG A 687 2.44 13.39 8.39
C ARG A 687 2.28 12.62 9.69
N ASN A 688 2.43 11.30 9.65
CA ASN A 688 2.23 10.46 10.82
C ASN A 688 3.50 9.68 11.13
N LYS A 689 3.77 9.50 12.42
CA LYS A 689 4.98 8.82 12.86
C LYS A 689 4.89 7.31 12.69
N ARG A 690 3.73 6.73 12.98
CA ARG A 690 3.55 5.29 12.80
C ARG A 690 3.61 4.90 11.33
N ILE A 691 2.93 5.67 10.48
CA ILE A 691 3.00 5.42 9.05
C ILE A 691 4.42 5.55 8.55
N GLY A 692 5.15 6.56 9.04
CA GLY A 692 6.53 6.73 8.63
C GLY A 692 7.40 5.56 9.05
N HIS A 693 7.22 5.08 10.29
CA HIS A 693 7.99 3.94 10.78
C HIS A 693 7.74 2.70 9.92
N PHE A 694 6.48 2.37 9.70
CA PHE A 694 6.17 1.17 8.93
C PHE A 694 6.59 1.32 7.47
N LEU A 695 6.46 2.52 6.90
CA LEU A 695 6.92 2.75 5.54
C LEU A 695 8.44 2.58 5.45
N PHE A 696 9.17 3.10 6.43
CA PHE A 696 10.61 2.92 6.47
C PHE A 696 10.97 1.44 6.45
N TRP A 697 10.34 0.65 7.31
CA TRP A 697 10.70 -0.76 7.38
C TRP A 697 10.30 -1.51 6.11
N PHE A 698 9.08 -1.24 5.60
CA PHE A 698 8.62 -1.90 4.39
C PHE A 698 9.50 -1.58 3.20
N LEU A 699 9.97 -0.34 3.10
CA LEU A 699 10.80 0.10 1.99
C LEU A 699 12.23 -0.41 2.12
N ARG A 700 12.76 -0.46 3.35
CA ARG A 700 14.10 -0.97 3.56
C ARG A 700 14.17 -2.47 3.27
N SER A 701 13.12 -3.21 3.61
CA SER A 701 13.11 -4.63 3.27
C SER A 701 13.17 -4.84 1.77
N GLU A 702 12.41 -4.04 1.01
CA GLU A 702 12.42 -4.15 -0.44
C GLU A 702 13.78 -3.76 -1.01
N ILE A 703 14.40 -2.72 -0.45
CA ILE A 703 15.75 -2.35 -0.90
C ILE A 703 16.72 -3.49 -0.65
N ALA A 704 16.62 -4.14 0.51
CA ALA A 704 17.55 -5.20 0.86
C ALA A 704 17.36 -6.42 -0.04
N GLN A 705 16.12 -6.79 -0.34
CA GLN A 705 15.86 -8.08 -0.98
C GLN A 705 15.58 -8.01 -2.47
N SER A 706 15.07 -6.89 -2.97
CA SER A 706 14.64 -6.80 -4.37
C SER A 706 15.62 -5.92 -5.14
N ARG A 707 16.42 -6.56 -6.01
CA ARG A 707 17.39 -5.81 -6.81
C ARG A 707 16.73 -5.06 -7.96
N HIS A 708 15.53 -5.49 -8.38
CA HIS A 708 14.88 -4.87 -9.52
C HIS A 708 14.45 -3.44 -9.23
N TYR A 709 13.98 -3.18 -8.00
CA TYR A 709 13.51 -1.87 -7.60
C TYR A 709 14.30 -1.32 -6.42
N GLN A 710 15.62 -1.57 -6.40
CA GLN A 710 16.45 -1.07 -5.31
C GLN A 710 16.55 0.44 -5.34
N GLN A 711 16.86 1.00 -6.51
CA GLN A 711 17.17 2.43 -6.61
C GLN A 711 15.95 3.32 -6.33
N ARG A 712 14.79 2.95 -6.87
CA ARG A 712 13.59 3.76 -6.68
C ARG A 712 13.19 3.81 -5.21
N PHE A 713 13.13 2.64 -4.56
CA PHE A 713 12.77 2.59 -3.15
C PHE A 713 13.84 3.26 -2.29
N ALA A 714 15.11 3.17 -2.71
CA ALA A 714 16.16 3.87 -1.97
C ALA A 714 15.97 5.38 -2.05
N VAL A 715 15.60 5.90 -3.21
CA VAL A 715 15.35 7.34 -3.35
C VAL A 715 14.16 7.75 -2.48
N ILE A 716 13.09 6.96 -2.50
CA ILE A 716 11.92 7.28 -1.68
C ILE A 716 12.29 7.26 -0.20
N LEU A 717 13.07 6.27 0.23
CA LEU A 717 13.49 6.19 1.62
C LEU A 717 14.38 7.37 2.00
N GLU A 718 15.25 7.80 1.09
CA GLU A 718 16.06 8.99 1.34
C GLU A 718 15.16 10.20 1.56
N ALA A 719 14.14 10.37 0.72
CA ALA A 719 13.25 11.51 0.88
C ALA A 719 12.54 11.47 2.24
N TYR A 720 12.03 10.29 2.62
CA TYR A 720 11.36 10.18 3.90
C TYR A 720 12.32 10.46 5.06
N LEU A 721 13.53 9.90 5.00
CA LEU A 721 14.49 10.07 6.09
C LEU A 721 14.90 11.51 6.24
N ARG A 722 15.09 12.22 5.12
CA ARG A 722 15.36 13.65 5.19
C ARG A 722 14.16 14.40 5.75
N GLY A 723 12.95 13.92 5.47
CA GLY A 723 11.77 14.61 5.99
C GLY A 723 11.61 14.51 7.49
N CYS A 724 11.87 13.33 8.05
CA CYS A 724 11.59 13.10 9.46
C CYS A 724 12.62 13.79 10.35
N GLY A 725 12.27 13.92 11.64
CA GLY A 725 13.11 14.61 12.58
C GLY A 725 14.26 13.76 13.08
N THR A 726 15.07 14.37 13.95
CA THR A 726 16.28 13.70 14.43
C THR A 726 15.98 12.61 15.44
N ALA A 727 14.86 12.71 16.17
CA ALA A 727 14.50 11.65 17.10
C ALA A 727 14.18 10.36 16.36
N MET A 728 13.42 10.46 15.27
CA MET A 728 13.17 9.30 14.42
C MET A 728 14.45 8.77 13.80
N LEU A 729 15.36 9.65 13.40
CA LEU A 729 16.64 9.21 12.84
C LEU A 729 17.44 8.42 13.88
N HIS A 730 17.46 8.90 15.13
CA HIS A 730 18.19 8.19 16.18
C HIS A 730 17.55 6.83 16.46
N ASP A 731 16.23 6.77 16.52
CA ASP A 731 15.56 5.49 16.73
C ASP A 731 15.84 4.52 15.59
N PHE A 732 15.82 5.02 14.35
CA PHE A 732 16.11 4.17 13.20
C PHE A 732 17.55 3.68 13.25
N THR A 733 18.48 4.55 13.63
CA THR A 733 19.88 4.14 13.75
C THR A 733 20.05 3.04 14.79
N GLN A 734 19.41 3.20 15.95
CA GLN A 734 19.50 2.16 16.98
C GLN A 734 18.91 0.84 16.49
N GLN A 735 17.75 0.91 15.82
CA GLN A 735 17.13 -0.31 15.31
C GLN A 735 18.01 -0.99 14.28
N VAL A 736 18.60 -0.22 13.36
CA VAL A 736 19.46 -0.80 12.34
C VAL A 736 20.70 -1.42 12.98
N GLN A 737 21.26 -0.76 13.99
CA GLN A 737 22.45 -1.29 14.66
C GLN A 737 22.14 -2.64 15.32
N VAL A 738 21.04 -2.71 16.08
CA VAL A 738 20.73 -3.96 16.77
C VAL A 738 20.36 -5.04 15.76
N ILE A 739 19.69 -4.67 14.66
CA ILE A 739 19.35 -5.64 13.64
C ILE A 739 20.60 -6.21 12.99
N GLU A 740 21.57 -5.34 12.67
CA GLU A 740 22.79 -5.79 12.02
C GLU A 740 23.60 -6.70 12.94
N MET A 741 23.72 -6.34 14.22
CA MET A 741 24.50 -7.18 15.12
C MET A 741 23.79 -8.52 15.37
N LEU A 742 22.47 -8.53 15.48
CA LEU A 742 21.75 -9.79 15.62
C LEU A 742 21.87 -10.63 14.35
N GLN A 743 21.90 -9.98 13.17
CA GLN A 743 22.12 -10.70 11.93
C GLN A 743 23.50 -11.36 11.92
N LYS A 744 24.52 -10.64 12.38
CA LYS A 744 25.86 -11.21 12.43
C LYS A 744 25.90 -12.41 13.38
N VAL A 745 25.26 -12.28 14.54
CA VAL A 745 25.25 -13.39 15.49
C VAL A 745 24.48 -14.58 14.92
N THR A 746 23.38 -14.32 14.21
CA THR A 746 22.62 -15.40 13.58
C THR A 746 23.46 -16.11 12.54
N LEU A 747 24.21 -15.35 11.73
CA LEU A 747 25.12 -15.96 10.76
C LEU A 747 26.15 -16.83 11.44
N ASP A 748 26.76 -16.33 12.52
CA ASP A 748 27.78 -17.10 13.22
C ASP A 748 27.21 -18.38 13.80
N ILE A 749 26.03 -18.31 14.40
CA ILE A 749 25.42 -19.52 14.97
C ILE A 749 25.02 -20.51 13.89
N LYS A 750 24.45 -20.01 12.79
CA LYS A 750 24.05 -20.88 11.69
C LYS A 750 25.24 -21.51 10.99
N SER A 751 26.41 -20.88 11.08
CA SER A 751 27.62 -21.49 10.50
C SER A 751 27.94 -22.81 11.19
N LEU A 752 27.81 -22.86 12.50
CA LEU A 752 28.03 -24.10 13.24
C LEU A 752 26.90 -25.09 12.96
N SER A 765 25.76 -23.08 24.33
CA SER A 765 26.73 -22.38 25.15
C SER A 765 27.40 -21.25 24.36
N GLN A 766 27.65 -21.51 23.08
CA GLN A 766 28.26 -20.50 22.23
C GLN A 766 27.34 -19.29 22.07
N LEU A 767 26.04 -19.54 21.92
CA LEU A 767 25.09 -18.45 21.79
C LEU A 767 25.08 -17.59 23.05
N LYS A 768 25.15 -18.21 24.23
CA LYS A 768 25.18 -17.44 25.46
C LYS A 768 26.41 -16.54 25.53
N GLN A 769 27.57 -17.07 25.14
CA GLN A 769 28.78 -16.26 25.16
C GLN A 769 28.70 -15.11 24.16
N LYS A 770 28.17 -15.36 22.97
CA LYS A 770 28.06 -14.29 21.99
C LYS A 770 27.06 -13.23 22.42
N LEU A 771 25.94 -13.65 23.02
CA LEU A 771 24.96 -12.68 23.50
C LEU A 771 25.52 -11.87 24.67
N GLU A 772 26.33 -12.50 25.52
CA GLU A 772 27.01 -11.75 26.58
C GLU A 772 28.00 -10.75 26.00
N ASN A 773 28.72 -11.13 24.94
CA ASN A 773 29.60 -10.20 24.26
C ASN A 773 28.83 -9.01 23.70
N LEU A 774 27.67 -9.28 23.09
CA LEU A 774 26.84 -8.19 22.58
C LEU A 774 26.36 -7.28 23.70
N GLN A 775 25.89 -7.87 24.79
CA GLN A 775 25.26 -7.08 25.86
C GLN A 775 26.25 -6.09 26.47
N ASN A 776 27.51 -6.48 26.60
CA ASN A 776 28.52 -5.60 27.16
C ASN A 776 29.20 -4.72 26.13
N SER A 777 28.85 -4.83 24.86
CA SER A 777 29.54 -4.09 23.82
C SER A 777 28.61 -3.84 22.64
N GLN A 778 28.32 -2.56 22.38
CA GLN A 778 27.61 -2.07 21.19
C GLN A 778 26.12 -2.32 21.22
N LEU A 779 25.59 -3.05 22.19
CA LEU A 779 24.16 -3.25 22.31
C LEU A 779 23.52 -2.00 22.88
N PRO A 780 22.58 -1.37 22.18
CA PRO A 780 21.95 -0.17 22.74
C PRO A 780 21.15 -0.49 23.99
N GLU A 781 21.08 0.49 24.90
CA GLU A 781 20.36 0.29 26.14
C GLU A 781 18.88 0.06 25.90
N SER A 782 18.34 0.63 24.83
CA SER A 782 16.94 0.45 24.48
C SER A 782 16.78 0.69 22.98
N PHE A 783 15.90 -0.10 22.35
CA PHE A 783 15.59 0.07 20.95
C PHE A 783 14.10 -0.15 20.73
N ARG A 784 13.56 0.53 19.71
CA ARG A 784 12.16 0.40 19.38
C ARG A 784 11.92 -0.90 18.61
N VAL A 785 10.86 -1.60 18.96
CA VAL A 785 10.56 -2.87 18.27
C VAL A 785 10.06 -2.57 16.85
N PRO A 786 10.68 -3.15 15.82
CA PRO A 786 10.30 -2.79 14.44
C PRO A 786 8.85 -3.09 14.10
N TYR A 787 8.29 -4.17 14.62
CA TYR A 787 6.91 -4.54 14.31
C TYR A 787 5.91 -3.94 15.29
N ASP A 788 6.37 -3.15 16.24
CA ASP A 788 5.49 -2.50 17.21
C ASP A 788 6.19 -1.25 17.75
N PRO A 789 6.05 -0.10 17.07
CA PRO A 789 6.78 1.10 17.50
C PRO A 789 6.40 1.59 18.89
N GLY A 790 5.23 1.23 19.40
CA GLY A 790 4.83 1.66 20.71
C GLY A 790 5.52 0.95 21.86
N LEU A 791 6.27 -0.11 21.58
CA LEU A 791 6.93 -0.90 22.61
C LEU A 791 8.44 -0.76 22.46
N LYS A 792 9.13 -0.51 23.56
CA LYS A 792 10.58 -0.34 23.57
C LYS A 792 11.19 -1.50 24.35
N ALA A 793 12.15 -2.18 23.72
CA ALA A 793 12.84 -3.30 24.35
C ALA A 793 14.16 -2.83 24.92
N GLY A 794 14.49 -3.31 26.12
CA GLY A 794 15.70 -2.89 26.80
C GLY A 794 16.79 -3.94 26.81
N ALA A 795 17.16 -4.39 28.01
CA ALA A 795 18.22 -5.37 28.15
C ALA A 795 17.76 -6.73 27.63
N LEU A 796 18.74 -7.62 27.43
CA LEU A 796 18.51 -8.93 26.85
C LEU A 796 18.58 -9.99 27.94
N ALA A 797 17.51 -10.76 28.09
CA ALA A 797 17.47 -11.85 29.06
C ALA A 797 18.20 -13.03 28.47
N ILE A 798 19.53 -13.03 28.62
CA ILE A 798 20.37 -14.03 27.97
C ILE A 798 20.06 -15.42 28.50
N GLU A 799 19.74 -15.52 29.80
CA GLU A 799 19.44 -16.82 30.39
C GLU A 799 18.16 -17.43 29.86
N LYS A 800 17.33 -16.67 29.13
CA LYS A 800 16.13 -17.20 28.52
C LYS A 800 16.27 -17.45 27.02
N CYS A 801 17.29 -16.90 26.38
CA CYS A 801 17.49 -17.11 24.96
C CYS A 801 17.95 -18.54 24.69
N LYS A 802 17.74 -18.98 23.45
CA LYS A 802 18.05 -20.34 23.04
C LYS A 802 18.01 -20.39 21.51
N VAL A 803 18.29 -21.57 20.95
CA VAL A 803 18.16 -21.83 19.53
C VAL A 803 17.16 -22.96 19.33
N MET A 804 16.13 -22.70 18.53
CA MET A 804 15.10 -23.69 18.32
C MET A 804 15.60 -24.82 17.43
N ALA A 805 15.03 -26.02 17.64
CA ALA A 805 15.42 -27.21 16.89
C ALA A 805 14.68 -27.23 15.55
N SER A 806 15.10 -26.35 14.65
CA SER A 806 14.54 -26.23 13.32
C SER A 806 15.65 -26.29 12.29
N LYS A 807 15.28 -26.62 11.05
CA LYS A 807 16.25 -26.69 9.97
C LYS A 807 16.89 -25.34 9.68
N LYS A 808 16.19 -24.24 9.97
CA LYS A 808 16.74 -22.91 9.75
C LYS A 808 17.47 -22.35 10.97
N LYS A 809 17.30 -22.97 12.13
CA LYS A 809 17.92 -22.56 13.40
C LYS A 809 17.66 -21.09 13.69
N PRO A 810 16.43 -20.72 14.04
CA PRO A 810 16.15 -19.33 14.41
C PRO A 810 16.62 -19.03 15.82
N LEU A 811 16.74 -17.74 16.12
CA LEU A 811 17.16 -17.28 17.44
C LEU A 811 15.94 -16.90 18.26
N TRP A 812 15.75 -17.58 19.38
CA TRP A 812 14.68 -17.26 20.32
C TRP A 812 15.23 -16.26 21.32
N LEU A 813 14.89 -14.99 21.14
CA LEU A 813 15.39 -13.91 21.97
C LEU A 813 14.28 -13.32 22.81
N GLU A 814 14.61 -12.93 24.05
CA GLU A 814 13.66 -12.31 24.96
C GLU A 814 14.30 -11.09 25.57
N PHE A 815 13.74 -9.92 25.29
CA PHE A 815 14.25 -8.65 25.79
C PHE A 815 13.37 -8.14 26.94
N LYS A 816 14.02 -7.46 27.89
CA LYS A 816 13.32 -6.80 28.98
C LYS A 816 12.72 -5.49 28.48
N CYS A 817 11.58 -5.10 29.04
CA CYS A 817 10.94 -3.85 28.66
C CYS A 817 11.74 -2.68 29.19
N ALA A 818 11.97 -1.68 28.33
CA ALA A 818 12.79 -0.54 28.71
C ALA A 818 12.01 0.52 29.48
N ASP A 819 10.69 0.44 29.50
CA ASP A 819 9.88 1.43 30.19
C ASP A 819 9.71 1.04 31.65
N PRO A 820 10.14 1.86 32.61
CA PRO A 820 9.94 1.52 34.03
C PRO A 820 8.48 1.49 34.45
N THR A 821 7.59 2.11 33.69
CA THR A 821 6.18 2.19 34.07
C THR A 821 5.37 0.98 33.64
N ALA A 822 5.99 -0.03 33.05
CA ALA A 822 5.26 -1.22 32.64
C ALA A 822 4.68 -1.93 33.86
N LEU A 823 3.45 -2.43 33.70
CA LEU A 823 2.74 -3.07 34.79
C LEU A 823 3.14 -4.53 35.00
N SER A 824 3.95 -5.09 34.11
CA SER A 824 4.31 -6.51 34.20
C SER A 824 5.81 -6.66 33.97
N ASN A 825 6.36 -7.74 34.52
CA ASN A 825 7.75 -8.11 34.34
C ASN A 825 7.97 -8.99 33.12
N GLU A 826 6.92 -9.24 32.33
CA GLU A 826 7.05 -10.09 31.16
C GLU A 826 8.04 -9.50 30.17
N THR A 827 8.82 -10.37 29.55
CA THR A 827 9.82 -9.95 28.58
C THR A 827 9.16 -9.72 27.22
N ILE A 828 9.96 -9.41 26.21
CA ILE A 828 9.48 -9.20 24.85
C ILE A 828 10.07 -10.30 23.98
N GLY A 829 9.22 -11.19 23.47
CA GLY A 829 9.66 -12.30 22.66
C GLY A 829 9.92 -11.90 21.21
N ILE A 830 11.13 -12.20 20.74
CA ILE A 830 11.52 -11.88 19.38
C ILE A 830 12.24 -13.08 18.78
N ILE A 831 11.83 -13.49 17.59
CA ILE A 831 12.47 -14.59 16.85
C ILE A 831 13.22 -14.00 15.68
N PHE A 832 14.52 -14.27 15.61
CA PHE A 832 15.36 -13.84 14.50
C PHE A 832 15.73 -15.08 13.69
N LYS A 833 15.37 -15.09 12.41
CA LYS A 833 15.55 -16.25 11.55
C LYS A 833 16.20 -15.83 10.25
N HIS A 834 16.98 -16.75 9.68
CA HIS A 834 17.67 -16.54 8.41
C HIS A 834 17.35 -17.71 7.49
N GLY A 835 17.21 -17.41 6.20
CA GLY A 835 16.96 -18.41 5.19
C GLY A 835 15.52 -18.50 4.73
N ASP A 836 14.64 -17.65 5.23
CA ASP A 836 13.25 -17.62 4.80
C ASP A 836 12.88 -16.20 4.40
N ASP A 837 12.06 -16.09 3.34
CA ASP A 837 11.57 -14.80 2.89
C ASP A 837 10.33 -14.44 3.70
N LEU A 838 10.44 -13.40 4.52
CA LEU A 838 9.34 -12.97 5.37
C LEU A 838 8.43 -11.96 4.69
N ARG A 839 8.76 -11.54 3.46
CA ARG A 839 7.91 -10.60 2.75
C ARG A 839 6.55 -11.22 2.43
N GLN A 840 6.54 -12.49 2.02
CA GLN A 840 5.27 -13.18 1.80
C GLN A 840 4.49 -13.32 3.10
N ASP A 841 5.20 -13.55 4.21
CA ASP A 841 4.54 -13.60 5.50
C ASP A 841 3.88 -12.27 5.84
N MET A 842 4.58 -11.16 5.59
CA MET A 842 3.98 -9.86 5.87
C MET A 842 2.77 -9.61 4.98
N LEU A 843 2.85 -9.98 3.69
CA LEU A 843 1.72 -9.79 2.80
C LEU A 843 0.50 -10.60 3.27
N ILE A 844 0.73 -11.86 3.66
CA ILE A 844 -0.37 -12.70 4.11
C ILE A 844 -0.97 -12.13 5.39
N LEU A 845 -0.13 -11.67 6.31
CA LEU A 845 -0.65 -11.13 7.57
C LEU A 845 -1.41 -9.84 7.35
N GLN A 846 -0.96 -9.00 6.41
CA GLN A 846 -1.70 -7.78 6.09
C GLN A 846 -3.06 -8.10 5.49
N ILE A 847 -3.11 -9.09 4.59
CA ILE A 847 -4.40 -9.49 4.02
C ILE A 847 -5.30 -10.09 5.09
N LEU A 848 -4.70 -10.82 6.04
CA LEU A 848 -5.48 -11.34 7.17
C LEU A 848 -6.07 -10.21 8.00
N ARG A 849 -5.30 -9.15 8.23
CA ARG A 849 -5.82 -8.00 8.96
C ARG A 849 -6.94 -7.31 8.20
N ILE A 850 -6.80 -7.21 6.88
CA ILE A 850 -7.85 -6.60 6.06
C ILE A 850 -9.13 -7.41 6.15
N MET A 851 -9.02 -8.74 6.06
CA MET A 851 -10.21 -9.58 6.18
C MET A 851 -10.79 -9.52 7.58
N GLU A 852 -9.92 -9.36 8.59
CA GLU A 852 -10.40 -9.21 9.96
C GLU A 852 -11.22 -7.93 10.11
N SER A 853 -10.76 -6.84 9.50
CA SER A 853 -11.53 -5.60 9.53
C SER A 853 -12.85 -5.76 8.77
N ILE A 854 -12.83 -6.48 7.65
CA ILE A 854 -14.05 -6.72 6.88
C ILE A 854 -15.06 -7.50 7.72
N TRP A 855 -14.57 -8.49 8.46
CA TRP A 855 -15.45 -9.23 9.36
C TRP A 855 -15.93 -8.34 10.50
N GLU A 856 -15.06 -7.42 10.95
CA GLU A 856 -15.43 -6.51 12.03
C GLU A 856 -16.59 -5.61 11.64
N THR A 857 -16.59 -5.10 10.41
CA THR A 857 -17.67 -4.20 10.00
C THR A 857 -18.99 -4.94 9.86
N GLU A 858 -18.96 -6.27 9.87
CA GLU A 858 -20.19 -7.07 9.83
C GLU A 858 -20.46 -7.78 11.15
N SER A 859 -19.99 -7.23 12.27
CA SER A 859 -20.25 -7.76 13.61
C SER A 859 -19.79 -9.21 13.73
N LEU A 860 -18.63 -9.52 13.16
CA LEU A 860 -18.05 -10.85 13.24
C LEU A 860 -16.68 -10.77 13.90
N ASP A 861 -16.52 -11.49 15.01
CA ASP A 861 -15.25 -11.56 15.73
C ASP A 861 -14.77 -13.02 15.65
N LEU A 862 -13.90 -13.29 14.68
CA LEU A 862 -13.43 -14.64 14.41
C LEU A 862 -12.20 -15.01 15.22
N CYS A 863 -11.74 -14.12 16.11
CA CYS A 863 -10.58 -14.33 16.97
C CYS A 863 -9.30 -14.59 16.19
N LEU A 864 -9.26 -14.19 14.92
CA LEU A 864 -8.07 -14.33 14.10
C LEU A 864 -7.13 -13.18 14.39
N LEU A 865 -5.98 -13.47 15.01
CA LEU A 865 -5.01 -12.43 15.35
C LEU A 865 -3.70 -12.71 14.63
N PRO A 866 -3.26 -11.82 13.74
CA PRO A 866 -1.93 -11.97 13.14
C PRO A 866 -0.84 -11.47 14.08
N TYR A 867 0.30 -12.15 14.04
CA TYR A 867 1.44 -11.78 14.86
C TYR A 867 2.27 -10.72 14.13
N GLY A 868 3.30 -10.23 14.81
CA GLY A 868 4.18 -9.22 14.24
C GLY A 868 5.32 -9.83 13.42
N CYS A 869 5.39 -9.46 12.16
CA CYS A 869 6.43 -9.94 11.25
C CYS A 869 6.99 -8.76 10.46
N ILE A 870 8.32 -8.60 10.50
CA ILE A 870 9.01 -7.59 9.72
C ILE A 870 10.25 -8.23 9.11
N SER A 871 10.40 -8.10 7.79
CA SER A 871 11.64 -8.49 7.13
C SER A 871 12.65 -7.37 7.27
N THR A 872 13.83 -7.69 7.80
CA THR A 872 14.83 -6.67 8.10
C THR A 872 16.01 -6.68 7.14
N GLY A 873 16.12 -7.68 6.27
CA GLY A 873 17.23 -7.73 5.34
C GLY A 873 17.08 -8.89 4.39
N ASP A 874 18.18 -9.22 3.72
CA ASP A 874 18.16 -10.29 2.72
C ASP A 874 17.93 -11.64 3.39
N LYS A 875 16.72 -12.18 3.25
CA LYS A 875 16.31 -13.47 3.78
C LYS A 875 16.42 -13.55 5.30
N ILE A 876 16.38 -12.42 6.00
CA ILE A 876 16.33 -12.37 7.46
C ILE A 876 15.11 -11.57 7.85
N GLY A 877 14.70 -11.72 9.12
CA GLY A 877 13.56 -10.97 9.60
C GLY A 877 13.33 -11.21 11.07
N MET A 878 12.31 -10.54 11.59
CA MET A 878 11.95 -10.62 13.00
C MET A 878 10.52 -11.09 13.13
N ILE A 879 10.30 -12.04 14.06
CA ILE A 879 9.00 -12.65 14.27
C ILE A 879 8.60 -12.47 15.73
N GLU A 880 7.40 -11.96 15.95
CA GLU A 880 6.89 -11.81 17.30
C GLU A 880 6.57 -13.18 17.90
N ILE A 881 6.92 -13.37 19.15
CA ILE A 881 6.62 -14.60 19.87
C ILE A 881 5.27 -14.45 20.55
N VAL A 882 4.33 -15.33 20.22
CA VAL A 882 3.04 -15.37 20.90
C VAL A 882 3.22 -16.18 22.18
N LYS A 883 2.98 -15.55 23.32
CA LYS A 883 3.22 -16.19 24.60
C LYS A 883 2.19 -17.28 24.86
N ASP A 884 2.61 -18.29 25.64
CA ASP A 884 1.76 -19.41 26.03
C ASP A 884 1.19 -20.16 24.82
N ALA A 885 1.97 -20.24 23.75
CA ALA A 885 1.54 -20.89 22.51
C ALA A 885 2.48 -22.04 22.17
N THR A 886 1.90 -23.12 21.66
CA THR A 886 2.65 -24.28 21.22
C THR A 886 2.13 -24.71 19.85
N THR A 887 2.76 -25.74 19.30
CA THR A 887 2.44 -26.22 17.96
C THR A 887 1.61 -27.50 18.05
N ILE A 888 0.67 -27.66 17.13
CA ILE A 888 -0.17 -28.85 17.11
C ILE A 888 0.69 -30.10 16.90
N ALA A 889 1.74 -29.98 16.07
CA ALA A 889 2.64 -31.09 15.86
C ALA A 889 3.32 -31.51 17.16
N LYS A 890 3.76 -30.52 17.95
CA LYS A 890 4.37 -30.84 19.25
C LYS A 890 3.35 -31.44 20.21
N ILE A 891 2.10 -30.96 20.17
CA ILE A 891 1.06 -31.54 21.01
C ILE A 891 0.84 -33.00 20.67
N GLN A 892 0.80 -33.33 19.38
CA GLN A 892 0.70 -34.73 18.97
C GLN A 892 1.92 -35.52 19.44
N GLN A 893 3.12 -35.03 19.13
CA GLN A 893 4.34 -35.74 19.47
C GLN A 893 4.53 -35.93 20.96
N SER A 894 3.83 -35.14 21.79
CA SER A 894 3.89 -35.36 23.23
C SER A 894 3.39 -36.75 23.60
N THR A 895 2.34 -37.23 22.94
CA THR A 895 1.81 -38.56 23.19
C THR A 895 1.99 -39.49 22.01
N VAL A 896 1.42 -39.16 20.84
CA VAL A 896 1.52 -39.99 19.65
C VAL A 896 1.62 -39.08 18.43
N GLY A 897 2.57 -39.39 17.55
CA GLY A 897 2.82 -38.56 16.38
C GLY A 897 4.28 -38.51 15.99
N ASN A 898 5.16 -38.91 16.93
CA ASN A 898 6.56 -39.07 16.58
C ASN A 898 6.76 -40.19 15.57
N THR A 899 5.99 -41.27 15.71
CA THR A 899 6.02 -42.38 14.78
C THR A 899 5.02 -42.23 13.63
N GLY A 900 4.18 -41.19 13.67
CA GLY A 900 3.17 -40.98 12.65
C GLY A 900 1.77 -41.35 13.07
N ALA A 901 1.62 -42.14 14.13
CA ALA A 901 0.29 -42.46 14.64
C ALA A 901 -0.34 -41.21 15.24
N PHE A 902 -1.65 -41.05 15.01
CA PHE A 902 -2.35 -39.84 15.40
C PHE A 902 -3.56 -40.20 16.24
N LYS A 903 -3.93 -39.30 17.15
CA LYS A 903 -5.09 -39.46 18.00
C LYS A 903 -5.87 -38.16 18.06
N ASP A 904 -7.16 -38.26 18.39
CA ASP A 904 -8.04 -37.09 18.34
C ASP A 904 -8.15 -36.39 19.69
N GLU A 905 -8.03 -37.13 20.79
CA GLU A 905 -8.25 -36.58 22.12
C GLU A 905 -7.08 -35.76 22.65
N VAL A 906 -5.95 -35.74 21.93
CA VAL A 906 -4.75 -35.09 22.46
C VAL A 906 -4.98 -33.59 22.62
N LEU A 907 -5.53 -32.94 21.60
CA LEU A 907 -5.74 -31.50 21.68
C LEU A 907 -6.77 -31.14 22.75
N ASN A 908 -7.84 -31.93 22.85
CA ASN A 908 -8.84 -31.67 23.89
C ASN A 908 -8.26 -31.82 25.28
N HIS A 909 -7.46 -32.87 25.50
CA HIS A 909 -6.85 -33.05 26.82
C HIS A 909 -5.85 -31.96 27.13
N TRP A 910 -5.10 -31.51 26.11
CA TRP A 910 -4.16 -30.41 26.32
C TRP A 910 -4.89 -29.14 26.70
N LEU A 911 -6.00 -28.83 26.02
CA LEU A 911 -6.78 -27.66 26.39
C LEU A 911 -7.37 -27.79 27.79
N LYS A 912 -7.79 -29.00 28.17
CA LYS A 912 -8.35 -29.21 29.49
C LYS A 912 -7.29 -29.02 30.58
N GLU A 913 -6.06 -29.44 30.30
CA GLU A 913 -4.99 -29.28 31.30
C GLU A 913 -4.66 -27.82 31.55
N LYS A 914 -4.64 -27.00 30.51
CA LYS A 914 -4.25 -25.60 30.63
C LYS A 914 -5.37 -24.72 31.18
N SER A 915 -6.57 -25.26 31.39
CA SER A 915 -7.69 -24.47 31.88
C SER A 915 -7.87 -24.72 33.37
N PRO A 916 -7.62 -23.73 34.24
CA PRO A 916 -7.81 -23.97 35.68
C PRO A 916 -9.23 -24.33 36.07
N THR A 917 -10.24 -23.74 35.43
CA THR A 917 -11.63 -23.94 35.80
C THR A 917 -12.43 -24.36 34.58
N GLU A 918 -13.67 -24.78 34.82
CA GLU A 918 -14.56 -25.20 33.74
C GLU A 918 -14.96 -24.03 32.85
N GLU A 919 -15.20 -22.86 33.44
CA GLU A 919 -15.56 -21.69 32.65
C GLU A 919 -14.40 -21.29 31.72
N LYS A 920 -13.17 -21.36 32.23
CA LYS A 920 -12.02 -21.10 31.39
C LYS A 920 -11.93 -22.10 30.25
N PHE A 921 -12.22 -23.38 30.53
CA PHE A 921 -12.18 -24.39 29.47
C PHE A 921 -13.25 -24.14 28.42
N GLN A 922 -14.45 -23.75 28.84
CA GLN A 922 -15.51 -23.45 27.87
C GLN A 922 -15.15 -22.22 27.02
N ALA A 923 -14.56 -21.19 27.65
CA ALA A 923 -14.11 -20.04 26.88
C ALA A 923 -13.02 -20.43 25.90
N ALA A 924 -12.13 -21.33 26.31
CA ALA A 924 -11.09 -21.82 25.41
C ALA A 924 -11.69 -22.57 24.23
N VAL A 925 -12.70 -23.40 24.48
CA VAL A 925 -13.36 -24.12 23.40
C VAL A 925 -14.03 -23.16 22.43
N GLU A 926 -14.71 -22.14 22.96
CA GLU A 926 -15.37 -21.16 22.09
C GLU A 926 -14.34 -20.39 21.26
N ARG A 927 -13.24 -19.98 21.88
CA ARG A 927 -12.19 -19.28 21.14
C ARG A 927 -11.58 -20.19 20.08
N PHE A 928 -11.39 -21.47 20.40
CA PHE A 928 -10.85 -22.40 19.43
C PHE A 928 -11.79 -22.55 18.24
N VAL A 929 -13.10 -22.67 18.50
CA VAL A 929 -14.07 -22.81 17.43
C VAL A 929 -14.04 -21.58 16.52
N TYR A 930 -14.08 -20.39 17.12
CA TYR A 930 -14.10 -19.16 16.32
C TYR A 930 -12.82 -18.98 15.53
N SER A 931 -11.67 -19.20 16.16
CA SER A 931 -10.40 -19.03 15.46
C SER A 931 -10.22 -20.07 14.37
N CYS A 932 -10.64 -21.32 14.62
CA CYS A 932 -10.54 -22.35 13.60
C CYS A 932 -11.43 -22.01 12.41
N ALA A 933 -12.65 -21.55 12.65
CA ALA A 933 -13.52 -21.15 11.54
C ALA A 933 -12.92 -20.00 10.75
N GLY A 934 -12.41 -18.99 11.46
CA GLY A 934 -11.85 -17.84 10.77
C GLY A 934 -10.65 -18.21 9.92
N TYR A 935 -9.75 -19.03 10.48
CA TYR A 935 -8.56 -19.41 9.73
C TYR A 935 -8.89 -20.37 8.59
N CYS A 936 -9.88 -21.24 8.79
CA CYS A 936 -10.32 -22.10 7.68
C CYS A 936 -10.83 -21.26 6.52
N VAL A 937 -11.69 -20.29 6.81
CA VAL A 937 -12.23 -19.45 5.75
C VAL A 937 -11.11 -18.64 5.08
N ALA A 938 -10.24 -18.03 5.88
CA ALA A 938 -9.19 -17.19 5.33
C ALA A 938 -8.22 -18.00 4.46
N THR A 939 -7.81 -19.17 4.94
CA THR A 939 -6.87 -19.98 4.18
C THR A 939 -7.50 -20.60 2.95
N PHE A 940 -8.79 -20.95 3.03
CA PHE A 940 -9.48 -21.45 1.84
C PHE A 940 -9.57 -20.36 0.78
N VAL A 941 -9.89 -19.13 1.18
CA VAL A 941 -9.96 -18.03 0.22
C VAL A 941 -8.58 -17.74 -0.36
N LEU A 942 -7.55 -17.75 0.48
CA LEU A 942 -6.21 -17.43 0.01
C LEU A 942 -5.50 -18.62 -0.62
N GLY A 943 -6.04 -19.83 -0.50
CA GLY A 943 -5.43 -20.99 -1.12
C GLY A 943 -4.27 -21.58 -0.36
N ILE A 944 -4.09 -21.21 0.91
CA ILE A 944 -2.97 -21.69 1.71
C ILE A 944 -3.49 -22.62 2.79
N GLY A 945 -4.62 -23.28 2.51
CA GLY A 945 -5.25 -24.11 3.51
C GLY A 945 -4.61 -25.47 3.72
N ASP A 946 -3.85 -25.96 2.75
CA ASP A 946 -3.22 -27.28 2.87
C ASP A 946 -1.84 -27.10 3.51
N ARG A 947 -1.82 -27.27 4.82
CA ARG A 947 -0.62 -27.17 5.63
C ARG A 947 -0.46 -28.41 6.49
N HIS A 948 0.68 -28.54 7.13
CA HIS A 948 0.94 -29.64 8.05
C HIS A 948 0.93 -29.09 9.48
N ASN A 949 0.93 -30.02 10.44
CA ASN A 949 0.74 -29.65 11.84
C ASN A 949 1.85 -28.75 12.36
N ASP A 950 3.03 -28.80 11.74
CA ASP A 950 4.17 -28.02 12.21
C ASP A 950 4.00 -26.51 12.00
N ASN A 951 3.02 -26.10 11.19
CA ASN A 951 2.82 -24.69 10.87
C ASN A 951 1.52 -24.16 11.46
N ILE A 952 0.96 -24.86 12.44
CA ILE A 952 -0.28 -24.46 13.10
C ILE A 952 -0.01 -24.38 14.60
N MET A 953 -0.29 -23.21 15.18
CA MET A 953 0.00 -22.94 16.58
C MET A 953 -1.30 -22.75 17.34
N ILE A 954 -1.24 -22.99 18.65
CA ILE A 954 -2.40 -22.83 19.52
C ILE A 954 -1.94 -22.32 20.88
N THR A 955 -2.71 -21.40 21.46
CA THR A 955 -2.41 -20.90 22.79
C THR A 955 -3.11 -21.74 23.85
N GLU A 956 -2.77 -21.46 25.11
CA GLU A 956 -3.44 -22.10 26.23
C GLU A 956 -4.86 -21.58 26.43
N THR A 957 -5.22 -20.47 25.79
CA THR A 957 -6.57 -19.95 25.85
C THR A 957 -7.45 -20.41 24.69
N GLY A 958 -6.92 -21.28 23.82
CA GLY A 958 -7.69 -21.88 22.76
C GLY A 958 -7.50 -21.26 21.39
N ASN A 959 -6.87 -20.08 21.31
CA ASN A 959 -6.73 -19.42 20.03
C ASN A 959 -5.81 -20.21 19.11
N LEU A 960 -6.13 -20.19 17.81
CA LEU A 960 -5.41 -20.94 16.80
C LEU A 960 -4.70 -19.99 15.84
N PHE A 961 -3.55 -20.43 15.34
CA PHE A 961 -2.75 -19.61 14.42
C PHE A 961 -2.25 -20.46 13.28
N HIS A 962 -1.87 -19.79 12.20
CA HIS A 962 -1.10 -20.38 11.11
C HIS A 962 0.19 -19.58 10.96
N ILE A 963 1.33 -20.29 10.90
CA ILE A 963 2.63 -19.66 10.87
C ILE A 963 3.40 -20.16 9.66
N ASP A 964 4.49 -19.46 9.36
CA ASP A 964 5.41 -19.82 8.27
C ASP A 964 4.65 -19.89 6.93
N PHE A 965 4.03 -18.76 6.57
CA PHE A 965 3.27 -18.71 5.32
C PHE A 965 4.20 -18.76 4.11
N GLY A 966 5.45 -18.33 4.26
CA GLY A 966 6.39 -18.41 3.16
C GLY A 966 6.74 -19.84 2.77
N HIS A 967 6.74 -20.75 3.74
CA HIS A 967 7.06 -22.15 3.47
C HIS A 967 6.03 -22.77 2.54
N ILE A 968 4.74 -22.49 2.77
CA ILE A 968 3.68 -23.14 2.01
C ILE A 968 3.28 -22.34 0.77
N LEU A 969 3.45 -21.02 0.80
CA LEU A 969 3.01 -20.19 -0.32
C LEU A 969 3.75 -20.51 -1.60
N GLY A 970 5.08 -20.58 -1.53
CA GLY A 970 5.87 -20.92 -2.71
C GLY A 970 5.60 -22.33 -3.21
N ASN A 971 5.47 -23.28 -2.28
CA ASN A 971 5.18 -24.66 -2.68
C ASN A 971 3.84 -24.76 -3.38
N TYR A 972 2.81 -24.06 -2.86
CA TYR A 972 1.50 -24.10 -3.50
C TYR A 972 1.52 -23.40 -4.85
N LYS A 973 2.28 -22.31 -4.97
CA LYS A 973 2.40 -21.64 -6.26
C LYS A 973 3.09 -22.54 -7.29
N SER A 974 4.12 -23.27 -6.86
CA SER A 974 4.87 -24.10 -7.80
C SER A 974 4.10 -25.36 -8.17
N PHE A 975 3.35 -25.93 -7.23
CA PHE A 975 2.71 -27.22 -7.43
C PHE A 975 1.19 -27.15 -7.57
N LEU A 976 0.52 -26.37 -6.73
CA LEU A 976 -0.93 -26.30 -6.60
C LEU A 976 -1.53 -27.59 -6.07
N GLY A 977 -0.72 -28.61 -5.79
CA GLY A 977 -1.20 -29.84 -5.21
C GLY A 977 -2.17 -30.63 -6.06
N ILE A 978 -2.21 -30.36 -7.37
CA ILE A 978 -3.10 -31.12 -8.24
C ILE A 978 -2.63 -32.54 -8.44
N ASN A 979 -1.36 -32.83 -8.16
CA ASN A 979 -0.82 -34.18 -8.28
C ASN A 979 -0.85 -34.94 -6.95
N LYS A 980 -1.38 -34.34 -5.89
CA LYS A 980 -1.51 -34.97 -4.59
C LYS A 980 -2.95 -34.87 -4.13
N GLU A 981 -3.20 -35.29 -2.88
CA GLU A 981 -4.51 -35.16 -2.27
C GLU A 981 -4.57 -33.82 -1.51
N ARG A 982 -5.27 -32.85 -2.09
CA ARG A 982 -5.36 -31.51 -1.52
C ARG A 982 -6.67 -31.34 -0.78
N VAL A 983 -6.59 -30.74 0.41
CA VAL A 983 -7.79 -30.39 1.17
C VAL A 983 -7.91 -28.87 1.18
N PRO A 984 -9.13 -28.32 1.17
CA PRO A 984 -9.27 -26.86 1.18
C PRO A 984 -8.63 -26.18 2.39
N PHE A 985 -8.71 -26.81 3.56
CA PHE A 985 -8.15 -26.23 4.77
C PHE A 985 -7.94 -27.35 5.78
N VAL A 986 -7.21 -27.03 6.84
CA VAL A 986 -6.89 -28.01 7.87
C VAL A 986 -8.06 -28.14 8.84
N LEU A 987 -8.94 -29.11 8.57
CA LEU A 987 -10.00 -29.49 9.50
C LEU A 987 -9.73 -30.93 9.90
N THR A 988 -8.88 -31.08 10.90
CA THR A 988 -8.31 -32.34 11.32
C THR A 988 -9.19 -32.99 12.39
N PRO A 989 -9.25 -34.32 12.45
CA PRO A 989 -10.11 -34.99 13.44
C PRO A 989 -9.88 -34.55 14.87
N ASP A 990 -8.68 -34.12 15.24
CA ASP A 990 -8.48 -33.57 16.57
C ASP A 990 -9.28 -32.28 16.75
N PHE A 991 -9.30 -31.43 15.73
CA PHE A 991 -10.13 -30.23 15.78
C PHE A 991 -11.60 -30.58 15.96
N LEU A 992 -12.08 -31.59 15.23
CA LEU A 992 -13.48 -32.00 15.34
C LEU A 992 -13.78 -32.55 16.72
N PHE A 993 -12.86 -33.34 17.28
CA PHE A 993 -13.07 -33.88 18.62
C PHE A 993 -13.09 -32.78 19.67
N VAL A 994 -12.26 -31.75 19.49
CA VAL A 994 -12.32 -30.60 20.39
C VAL A 994 -13.66 -29.89 20.25
N MET A 995 -14.13 -29.73 19.02
CA MET A 995 -15.41 -29.05 18.80
C MET A 995 -16.58 -29.89 19.32
N GLY A 996 -16.82 -31.06 18.72
CA GLY A 996 -17.95 -31.88 19.04
C GLY A 996 -17.56 -33.16 19.76
N THR A 997 -18.43 -34.16 19.62
CA THR A 997 -18.18 -35.48 20.17
C THR A 997 -17.60 -36.45 19.14
N SER A 998 -17.28 -35.95 17.94
CA SER A 998 -16.75 -36.74 16.83
C SER A 998 -17.69 -37.86 16.41
N GLY A 999 -19.00 -37.71 16.61
CA GLY A 999 -19.98 -38.69 16.22
C GLY A 999 -20.25 -38.77 14.74
N LYS A 1000 -19.61 -37.90 13.95
CA LYS A 1000 -19.72 -37.88 12.48
C LYS A 1000 -21.14 -37.57 12.03
N LYS A 1001 -21.99 -37.06 12.93
CA LYS A 1001 -23.31 -36.60 12.56
C LYS A 1001 -23.48 -35.10 12.76
N THR A 1002 -23.29 -34.60 13.98
CA THR A 1002 -23.46 -33.19 14.30
C THR A 1002 -23.10 -32.99 15.77
N SER A 1003 -23.01 -31.72 16.16
CA SER A 1003 -22.79 -31.29 17.53
C SER A 1003 -23.08 -29.79 17.61
N PRO A 1004 -23.58 -29.29 18.75
CA PRO A 1004 -23.87 -27.86 18.83
C PRO A 1004 -22.68 -26.97 18.53
N HIS A 1005 -21.49 -27.36 19.00
CA HIS A 1005 -20.29 -26.61 18.67
C HIS A 1005 -19.97 -26.71 17.18
N PHE A 1006 -20.16 -27.89 16.60
CA PHE A 1006 -19.93 -28.05 15.17
C PHE A 1006 -20.93 -27.24 14.35
N GLN A 1007 -22.20 -27.22 14.78
CA GLN A 1007 -23.19 -26.40 14.09
C GLN A 1007 -22.84 -24.92 14.19
N LYS A 1008 -22.40 -24.46 15.37
CA LYS A 1008 -22.00 -23.07 15.52
C LYS A 1008 -20.79 -22.76 14.64
N PHE A 1009 -19.83 -23.68 14.56
CA PHE A 1009 -18.67 -23.47 13.71
C PHE A 1009 -19.08 -23.37 12.24
N GLN A 1010 -19.98 -24.25 11.79
CA GLN A 1010 -20.46 -24.19 10.42
C GLN A 1010 -21.18 -22.87 10.14
N ASP A 1011 -22.04 -22.44 11.06
CA ASP A 1011 -22.77 -21.20 10.87
C ASP A 1011 -21.82 -20.00 10.77
N ILE A 1012 -20.85 -19.93 11.68
CA ILE A 1012 -19.97 -18.76 11.71
C ILE A 1012 -19.03 -18.76 10.51
N CYS A 1013 -18.58 -19.94 10.06
CA CYS A 1013 -17.72 -19.95 8.88
C CYS A 1013 -18.51 -19.61 7.62
N VAL A 1014 -19.78 -20.04 7.54
CA VAL A 1014 -20.60 -19.63 6.41
C VAL A 1014 -20.84 -18.11 6.44
N LYS A 1015 -21.06 -17.56 7.63
CA LYS A 1015 -21.24 -16.12 7.76
C LYS A 1015 -19.99 -15.37 7.32
N ALA A 1016 -18.81 -15.85 7.72
CA ALA A 1016 -17.57 -15.21 7.30
C ALA A 1016 -17.36 -15.33 5.80
N TYR A 1017 -17.70 -16.48 5.23
CA TYR A 1017 -17.57 -16.66 3.78
C TYR A 1017 -18.45 -15.68 3.03
N LEU A 1018 -19.70 -15.52 3.46
CA LEU A 1018 -20.58 -14.56 2.81
C LEU A 1018 -20.10 -13.12 3.02
N ALA A 1019 -19.56 -12.82 4.20
CA ALA A 1019 -19.00 -11.50 4.44
C ALA A 1019 -17.87 -11.19 3.48
N LEU A 1020 -16.98 -12.17 3.24
CA LEU A 1020 -15.91 -11.96 2.28
C LEU A 1020 -16.45 -11.88 0.85
N ARG A 1021 -17.49 -12.65 0.55
CA ARG A 1021 -18.10 -12.57 -0.77
C ARG A 1021 -18.71 -11.19 -1.02
N HIS A 1022 -19.10 -10.50 0.05
CA HIS A 1022 -19.59 -9.14 -0.08
C HIS A 1022 -18.52 -8.19 -0.63
N HIS A 1023 -17.25 -8.45 -0.33
CA HIS A 1023 -16.13 -7.63 -0.80
C HIS A 1023 -15.21 -8.41 -1.72
N THR A 1024 -15.76 -9.43 -2.39
CA THR A 1024 -15.09 -10.17 -3.45
C THR A 1024 -14.18 -9.31 -4.34
N ASN A 1025 -14.64 -8.13 -4.76
CA ASN A 1025 -13.83 -7.33 -5.68
C ASN A 1025 -12.51 -6.90 -5.04
N LEU A 1026 -12.59 -6.35 -3.82
CA LEU A 1026 -11.37 -5.96 -3.11
C LEU A 1026 -10.49 -7.17 -2.83
N LEU A 1027 -11.10 -8.29 -2.44
CA LEU A 1027 -10.31 -9.49 -2.18
C LEU A 1027 -9.60 -9.96 -3.44
N ILE A 1028 -10.27 -9.89 -4.59
CA ILE A 1028 -9.69 -10.32 -5.85
C ILE A 1028 -8.51 -9.43 -6.23
N ILE A 1029 -8.67 -8.12 -6.10
CA ILE A 1029 -7.57 -7.23 -6.47
C ILE A 1029 -6.39 -7.41 -5.51
N LEU A 1030 -6.67 -7.65 -4.23
CA LEU A 1030 -5.60 -7.90 -3.26
C LEU A 1030 -4.85 -9.19 -3.59
N PHE A 1031 -5.59 -10.24 -3.94
CA PHE A 1031 -4.97 -11.51 -4.31
C PHE A 1031 -4.11 -11.36 -5.56
N SER A 1032 -4.60 -10.62 -6.55
CA SER A 1032 -3.83 -10.41 -7.77
C SER A 1032 -2.54 -9.65 -7.47
N MET A 1033 -2.63 -8.58 -6.68
CA MET A 1033 -1.43 -7.84 -6.31
C MET A 1033 -0.47 -8.71 -5.53
N MET A 1034 -0.97 -9.52 -4.60
CA MET A 1034 -0.10 -10.40 -3.83
C MET A 1034 0.63 -11.37 -4.73
N LEU A 1035 -0.07 -11.99 -5.67
CA LEU A 1035 0.59 -12.94 -6.56
C LEU A 1035 1.63 -12.25 -7.44
N MET A 1036 1.31 -11.09 -7.99
CA MET A 1036 2.21 -10.52 -8.99
C MET A 1036 3.40 -9.81 -8.34
N THR A 1037 3.24 -9.36 -7.09
CA THR A 1037 4.34 -8.66 -6.43
C THR A 1037 5.11 -9.56 -5.48
N GLY A 1038 4.44 -10.28 -4.59
CA GLY A 1038 5.13 -11.04 -3.57
C GLY A 1038 5.72 -12.36 -4.01
N MET A 1039 5.49 -12.78 -5.25
CA MET A 1039 6.03 -14.04 -5.73
C MET A 1039 7.37 -13.81 -6.41
N PRO A 1040 8.45 -14.42 -5.94
CA PRO A 1040 9.72 -14.34 -6.69
C PRO A 1040 9.63 -14.96 -8.07
N GLN A 1041 8.81 -15.99 -8.25
CA GLN A 1041 8.70 -16.69 -9.52
C GLN A 1041 7.71 -15.96 -10.43
N LEU A 1042 7.39 -16.58 -11.57
CA LEU A 1042 6.56 -15.98 -12.60
C LEU A 1042 5.18 -16.62 -12.54
N THR A 1043 4.15 -15.81 -12.41
CA THR A 1043 2.77 -16.28 -12.38
C THR A 1043 2.06 -15.90 -13.68
N SER A 1044 0.86 -16.45 -13.84
CA SER A 1044 0.06 -16.21 -15.03
C SER A 1044 -1.41 -16.43 -14.67
N LYS A 1045 -2.26 -16.55 -15.69
CA LYS A 1045 -3.66 -16.84 -15.46
C LYS A 1045 -3.81 -18.27 -14.94
N GLU A 1046 -5.04 -18.62 -14.59
CA GLU A 1046 -5.43 -19.86 -13.92
C GLU A 1046 -4.92 -19.92 -12.48
N ASP A 1047 -4.11 -18.97 -12.06
CA ASP A 1047 -3.71 -18.80 -10.66
C ASP A 1047 -4.39 -17.61 -10.02
N ILE A 1048 -4.53 -16.52 -10.78
CA ILE A 1048 -5.31 -15.38 -10.30
C ILE A 1048 -6.79 -15.74 -10.23
N GLU A 1049 -7.26 -16.58 -11.15
CA GLU A 1049 -8.66 -16.99 -11.17
C GLU A 1049 -9.01 -17.94 -10.03
N TYR A 1050 -8.02 -18.42 -9.28
CA TYR A 1050 -8.34 -19.31 -8.16
C TYR A 1050 -9.23 -18.63 -7.14
N ILE A 1051 -8.98 -17.34 -6.86
CA ILE A 1051 -9.78 -16.65 -5.85
C ILE A 1051 -11.21 -16.46 -6.34
N ARG A 1052 -11.38 -16.11 -7.61
CA ARG A 1052 -12.74 -15.96 -8.12
C ARG A 1052 -13.46 -17.29 -8.26
N ASP A 1053 -12.73 -18.41 -8.31
CA ASP A 1053 -13.36 -19.71 -8.19
C ASP A 1053 -13.72 -20.06 -6.75
N ALA A 1054 -12.86 -19.70 -5.80
CA ALA A 1054 -13.10 -19.98 -4.39
C ALA A 1054 -14.10 -19.02 -3.77
N LEU A 1055 -14.13 -17.77 -4.23
CA LEU A 1055 -15.09 -16.80 -3.73
C LEU A 1055 -16.46 -16.96 -4.34
N THR A 1056 -16.63 -17.91 -5.27
CA THR A 1056 -17.93 -18.25 -5.86
C THR A 1056 -18.54 -17.02 -6.54
N VAL A 1057 -17.83 -16.54 -7.56
CA VAL A 1057 -18.22 -15.32 -8.25
C VAL A 1057 -19.37 -15.62 -9.19
N GLY A 1058 -20.42 -14.79 -9.14
CA GLY A 1058 -21.55 -14.95 -10.02
C GLY A 1058 -22.50 -16.07 -9.65
N LYS A 1059 -22.64 -16.36 -8.36
CA LYS A 1059 -23.55 -17.39 -7.89
C LYS A 1059 -24.31 -16.88 -6.67
N ASN A 1060 -25.39 -17.59 -6.34
CA ASN A 1060 -26.25 -17.17 -5.24
C ASN A 1060 -25.56 -17.36 -3.89
N GLU A 1061 -26.11 -16.70 -2.87
CA GLU A 1061 -25.62 -16.89 -1.52
C GLU A 1061 -25.87 -18.31 -1.03
N GLU A 1062 -27.02 -18.88 -1.39
CA GLU A 1062 -27.31 -20.26 -1.02
C GLU A 1062 -26.35 -21.23 -1.70
N ASP A 1063 -26.06 -20.98 -2.98
CA ASP A 1063 -25.11 -21.82 -3.70
C ASP A 1063 -23.72 -21.74 -3.09
N ALA A 1064 -23.29 -20.54 -2.70
CA ALA A 1064 -21.99 -20.38 -2.06
C ALA A 1064 -21.94 -21.07 -0.70
N LYS A 1065 -23.03 -20.96 0.07
CA LYS A 1065 -23.09 -21.64 1.35
C LYS A 1065 -23.01 -23.15 1.18
N LYS A 1066 -23.72 -23.69 0.18
CA LYS A 1066 -23.63 -25.12 -0.11
C LYS A 1066 -22.22 -25.50 -0.53
N TYR A 1067 -21.56 -24.65 -1.33
CA TYR A 1067 -20.21 -24.92 -1.76
C TYR A 1067 -19.25 -24.99 -0.57
N PHE A 1068 -19.37 -24.05 0.37
CA PHE A 1068 -18.49 -24.08 1.53
C PHE A 1068 -18.79 -25.26 2.45
N LEU A 1069 -20.06 -25.62 2.60
CA LEU A 1069 -20.39 -26.81 3.39
C LEU A 1069 -19.83 -28.07 2.72
N ASP A 1070 -19.82 -28.10 1.38
CA ASP A 1070 -19.21 -29.21 0.67
C ASP A 1070 -17.70 -29.25 0.91
N GLN A 1071 -17.05 -28.08 0.96
CA GLN A 1071 -15.64 -28.05 1.28
C GLN A 1071 -15.38 -28.59 2.70
N ILE A 1072 -16.23 -28.22 3.65
CA ILE A 1072 -16.10 -28.77 5.00
C ILE A 1072 -16.27 -30.28 4.99
N GLU A 1073 -17.25 -30.77 4.22
CA GLU A 1073 -17.48 -32.21 4.16
C GLU A 1073 -16.29 -32.95 3.55
N VAL A 1074 -15.69 -32.40 2.49
CA VAL A 1074 -14.56 -33.08 1.88
C VAL A 1074 -13.34 -33.02 2.79
N CYS A 1075 -13.20 -31.95 3.58
CA CYS A 1075 -12.16 -31.96 4.61
C CYS A 1075 -12.41 -33.05 5.63
N ARG A 1076 -13.66 -33.22 6.05
CA ARG A 1076 -13.99 -34.29 7.00
C ARG A 1076 -13.81 -35.67 6.40
N ASP A 1077 -13.88 -35.79 5.07
CA ASP A 1077 -13.70 -37.08 4.43
C ASP A 1077 -12.27 -37.58 4.59
N LYS A 1078 -11.29 -36.70 4.35
CA LYS A 1078 -9.88 -37.05 4.52
C LYS A 1078 -9.45 -36.66 5.92
N GLY A 1079 -9.57 -37.61 6.85
CA GLY A 1079 -9.26 -37.33 8.23
C GLY A 1079 -7.78 -37.11 8.49
N TRP A 1080 -7.00 -38.19 8.45
CA TRP A 1080 -5.58 -38.14 8.73
C TRP A 1080 -4.72 -38.38 7.50
N THR A 1081 -5.32 -38.59 6.34
CA THR A 1081 -4.56 -38.99 5.16
C THR A 1081 -3.56 -37.91 4.74
N VAL A 1082 -3.99 -36.66 4.72
CA VAL A 1082 -3.10 -35.58 4.29
C VAL A 1082 -2.00 -35.36 5.32
N GLN A 1083 -2.33 -35.43 6.60
CA GLN A 1083 -1.31 -35.29 7.63
C GLN A 1083 -0.31 -36.44 7.60
N PHE A 1084 -0.80 -37.66 7.38
CA PHE A 1084 0.10 -38.80 7.27
C PHE A 1084 1.01 -38.67 6.05
N ASN A 1085 0.47 -38.18 4.92
CA ASN A 1085 1.29 -37.97 3.74
C ASN A 1085 2.34 -36.90 3.99
N TRP A 1086 1.97 -35.82 4.70
CA TRP A 1086 2.93 -34.78 5.04
C TRP A 1086 4.04 -35.35 5.93
N PHE A 1087 3.66 -36.18 6.91
CA PHE A 1087 4.64 -36.80 7.78
C PHE A 1087 5.60 -37.69 7.00
N LEU A 1088 5.06 -38.48 6.06
CA LEU A 1088 5.91 -39.34 5.26
C LEU A 1088 6.86 -38.53 4.38
N HIS A 1089 6.35 -37.45 3.77
CA HIS A 1089 7.20 -36.63 2.92
C HIS A 1089 8.31 -35.95 3.73
N LEU A 1090 7.98 -35.42 4.90
CA LEU A 1090 8.99 -34.79 5.73
C LEU A 1090 9.96 -35.80 6.30
N VAL A 1091 9.47 -36.99 6.64
CA VAL A 1091 10.32 -38.04 7.18
C VAL A 1091 10.61 -39.09 6.12
N GLN B 1 -27.55 12.07 -14.64
CA GLN B 1 -27.38 12.61 -13.30
C GLN B 1 -28.18 11.82 -12.27
N VAL B 2 -27.54 11.49 -11.15
CA VAL B 2 -28.22 10.73 -10.10
C VAL B 2 -29.10 11.67 -9.29
N GLN B 3 -30.36 11.28 -9.09
CA GLN B 3 -31.33 12.10 -8.37
C GLN B 3 -31.97 11.27 -7.28
N LEU B 4 -32.05 11.83 -6.07
CA LEU B 4 -32.66 11.16 -4.93
C LEU B 4 -33.72 12.07 -4.33
N VAL B 5 -34.86 11.49 -3.97
CA VAL B 5 -35.98 12.22 -3.37
C VAL B 5 -36.32 11.54 -2.04
N GLU B 6 -36.16 12.29 -0.94
CA GLU B 6 -36.44 11.76 0.38
C GLU B 6 -37.82 12.16 0.84
N SER B 7 -38.46 11.28 1.62
CA SER B 7 -39.79 11.53 2.15
C SER B 7 -39.99 10.70 3.41
N GLY B 8 -41.02 11.07 4.17
CA GLY B 8 -41.36 10.37 5.38
C GLY B 8 -41.11 11.13 6.66
N GLY B 9 -40.49 12.30 6.59
CA GLY B 9 -40.21 13.07 7.79
C GLY B 9 -41.43 13.84 8.27
N GLY B 10 -41.25 14.52 9.39
CA GLY B 10 -42.31 15.31 9.98
C GLY B 10 -42.07 15.48 11.47
N LEU B 11 -43.11 15.96 12.15
CA LEU B 11 -43.08 16.19 13.58
C LEU B 11 -43.55 14.95 14.32
N VAL B 12 -42.77 14.54 15.33
CA VAL B 12 -43.10 13.37 16.14
C VAL B 12 -42.70 13.64 17.58
N GLN B 13 -43.50 13.12 18.50
CA GLN B 13 -43.22 13.28 19.93
C GLN B 13 -42.02 12.42 20.33
N PRO B 14 -41.32 12.81 21.39
CA PRO B 14 -40.20 11.99 21.87
C PRO B 14 -40.66 10.58 22.21
N GLY B 15 -39.80 9.60 21.87
CA GLY B 15 -40.15 8.21 22.03
C GLY B 15 -40.95 7.62 20.89
N GLY B 16 -41.27 8.42 19.88
CA GLY B 16 -42.05 7.94 18.75
C GLY B 16 -41.20 7.22 17.73
N SER B 17 -41.81 6.97 16.58
CA SER B 17 -41.15 6.25 15.49
C SER B 17 -41.45 6.93 14.16
N LEU B 18 -40.49 6.85 13.24
CA LEU B 18 -40.66 7.36 11.89
C LEU B 18 -39.98 6.41 10.91
N ARG B 19 -40.49 6.39 9.69
CA ARG B 19 -39.94 5.57 8.61
C ARG B 19 -39.72 6.45 7.39
N LEU B 20 -38.46 6.67 7.04
CA LEU B 20 -38.11 7.45 5.86
C LEU B 20 -37.94 6.54 4.66
N SER B 21 -38.16 7.10 3.47
CA SER B 21 -37.92 6.42 2.22
C SER B 21 -37.27 7.38 1.24
N CYS B 22 -36.43 6.84 0.37
CA CYS B 22 -35.74 7.66 -0.62
C CYS B 22 -35.53 6.84 -1.88
N ALA B 23 -35.93 7.41 -3.02
CA ALA B 23 -35.82 6.74 -4.31
C ALA B 23 -34.68 7.37 -5.11
N ALA B 24 -33.79 6.52 -5.62
CA ALA B 24 -32.62 6.95 -6.35
C ALA B 24 -32.86 6.81 -7.85
N SER B 25 -32.33 7.77 -8.62
CA SER B 25 -32.46 7.76 -10.07
C SER B 25 -31.25 7.16 -10.77
N GLY B 26 -30.34 6.55 -10.00
CA GLY B 26 -29.19 5.86 -10.56
C GLY B 26 -29.53 4.41 -10.85
N SER B 27 -29.38 4.03 -12.12
CA SER B 27 -29.78 2.70 -12.56
C SER B 27 -28.79 1.63 -12.17
N ILE B 28 -27.65 1.99 -11.57
CA ILE B 28 -26.67 1.04 -11.07
C ILE B 28 -26.86 0.88 -9.57
N PHE B 29 -28.09 1.12 -9.10
CA PHE B 29 -28.42 1.02 -7.69
C PHE B 29 -28.10 -0.37 -7.14
N SER B 30 -28.13 -1.40 -7.98
CA SER B 30 -28.00 -2.77 -7.50
C SER B 30 -26.61 -3.01 -6.91
N ILE B 31 -25.57 -2.40 -7.46
CA ILE B 31 -24.20 -2.68 -7.06
C ILE B 31 -23.60 -1.58 -6.20
N ASN B 32 -24.40 -0.65 -5.71
CA ASN B 32 -23.90 0.49 -4.94
C ASN B 32 -24.40 0.43 -3.51
N ALA B 33 -23.50 0.62 -2.56
CA ALA B 33 -23.89 0.80 -1.17
C ALA B 33 -24.51 2.16 -0.97
N MET B 34 -25.49 2.24 -0.08
CA MET B 34 -26.21 3.47 0.19
C MET B 34 -26.19 3.74 1.69
N GLY B 35 -26.38 5.01 2.04
CA GLY B 35 -26.36 5.41 3.43
C GLY B 35 -27.24 6.61 3.68
N TRP B 36 -27.63 6.77 4.94
CA TRP B 36 -28.47 7.88 5.37
C TRP B 36 -27.64 8.87 6.17
N TYR B 37 -27.74 10.14 5.81
CA TYR B 37 -27.04 11.22 6.48
C TYR B 37 -28.04 12.16 7.14
N ARG B 38 -27.61 12.78 8.24
CA ARG B 38 -28.42 13.77 8.93
C ARG B 38 -27.56 15.00 9.21
N GLN B 39 -28.18 16.18 9.15
CA GLN B 39 -27.50 17.44 9.43
C GLN B 39 -28.24 18.15 10.56
N ALA B 40 -27.65 18.08 11.75
CA ALA B 40 -28.22 18.76 12.90
C ALA B 40 -28.12 20.27 12.72
N PRO B 41 -29.03 21.04 13.32
CA PRO B 41 -28.97 22.50 13.19
C PRO B 41 -27.65 23.05 13.69
N GLY B 42 -26.97 23.80 12.83
CA GLY B 42 -25.65 24.32 13.16
C GLY B 42 -24.61 23.24 13.37
N LYS B 43 -24.71 22.15 12.61
CA LYS B 43 -23.78 21.04 12.72
C LYS B 43 -23.51 20.47 11.34
N GLN B 44 -22.37 19.78 11.22
CA GLN B 44 -22.00 19.19 9.94
C GLN B 44 -22.81 17.92 9.67
N ARG B 45 -22.87 17.55 8.39
CA ARG B 45 -23.60 16.36 7.99
C ARG B 45 -22.76 15.11 8.28
N GLU B 46 -23.40 14.09 8.84
CA GLU B 46 -22.70 12.88 9.26
C GLU B 46 -23.50 11.64 8.86
N LEU B 47 -22.78 10.58 8.48
CA LEU B 47 -23.42 9.31 8.18
C LEU B 47 -23.81 8.61 9.47
N VAL B 48 -25.05 8.11 9.51
CA VAL B 48 -25.57 7.43 10.69
C VAL B 48 -25.91 5.97 10.39
N ALA B 49 -26.25 5.65 9.15
CA ALA B 49 -26.65 4.29 8.79
C ALA B 49 -26.04 3.95 7.44
N HIS B 50 -25.48 2.74 7.35
CA HIS B 50 -24.82 2.25 6.15
C HIS B 50 -25.40 0.91 5.77
N ILE B 51 -25.72 0.74 4.48
CA ILE B 51 -26.14 -0.55 3.94
C ILE B 51 -25.36 -0.82 2.67
N THR B 52 -24.88 -2.06 2.54
CA THR B 52 -24.12 -2.45 1.36
C THR B 52 -25.07 -2.94 0.26
N SER B 53 -24.51 -3.14 -0.92
CA SER B 53 -25.30 -3.67 -2.03
C SER B 53 -25.84 -5.05 -1.72
N GLY B 54 -25.06 -5.86 -1.00
CA GLY B 54 -25.56 -7.15 -0.58
C GLY B 54 -26.69 -7.05 0.42
N GLY B 55 -26.63 -6.07 1.32
CA GLY B 55 -27.66 -5.86 2.31
C GLY B 55 -27.19 -5.82 3.75
N SER B 56 -25.89 -5.85 4.00
CA SER B 56 -25.38 -5.77 5.36
C SER B 56 -25.52 -4.35 5.89
N THR B 57 -25.91 -4.21 7.15
CA THR B 57 -26.23 -2.93 7.75
C THR B 57 -25.23 -2.60 8.85
N ASN B 58 -24.74 -1.36 8.84
CA ASN B 58 -23.85 -0.85 9.85
C ASN B 58 -24.34 0.52 10.30
N TYR B 59 -24.33 0.76 11.61
CA TYR B 59 -24.92 1.96 12.19
C TYR B 59 -23.89 2.72 13.01
N ALA B 60 -24.10 4.03 13.12
CA ALA B 60 -23.27 4.86 13.98
C ALA B 60 -23.62 4.60 15.45
N ASP B 61 -22.69 4.98 16.32
CA ASP B 61 -22.84 4.66 17.75
C ASP B 61 -24.07 5.32 18.34
N SER B 62 -24.36 6.57 17.96
CA SER B 62 -25.50 7.27 18.53
C SER B 62 -26.81 6.58 18.18
N VAL B 63 -26.95 6.12 16.95
CA VAL B 63 -28.21 5.54 16.49
C VAL B 63 -28.24 4.02 16.60
N LYS B 64 -27.21 3.41 17.18
CA LYS B 64 -27.18 1.95 17.29
C LYS B 64 -28.31 1.46 18.18
N GLY B 65 -29.01 0.43 17.71
CA GLY B 65 -30.11 -0.16 18.45
C GLY B 65 -31.43 0.54 18.29
N ARG B 66 -31.47 1.68 17.59
CA ARG B 66 -32.71 2.42 17.40
C ARG B 66 -33.02 2.71 15.94
N PHE B 67 -32.05 2.61 15.04
CA PHE B 67 -32.25 2.87 13.62
C PHE B 67 -32.05 1.57 12.85
N THR B 68 -32.84 1.39 11.80
CA THR B 68 -32.72 0.24 10.91
C THR B 68 -32.79 0.71 9.47
N ILE B 69 -31.80 0.31 8.68
CA ILE B 69 -31.70 0.72 7.27
C ILE B 69 -31.94 -0.51 6.40
N SER B 70 -32.72 -0.33 5.34
CA SER B 70 -33.02 -1.41 4.40
C SER B 70 -33.11 -0.83 3.00
N ARG B 71 -32.96 -1.71 2.01
CA ARG B 71 -33.02 -1.31 0.60
C ARG B 71 -33.86 -2.32 -0.17
N ASP B 72 -34.40 -1.87 -1.28
CA ASP B 72 -35.14 -2.71 -2.21
C ASP B 72 -34.64 -2.42 -3.62
N ASN B 73 -33.77 -3.30 -4.13
CA ASN B 73 -33.15 -3.06 -5.42
C ASN B 73 -34.17 -3.09 -6.55
N ALA B 74 -35.32 -3.76 -6.32
CA ALA B 74 -36.36 -3.80 -7.34
C ALA B 74 -36.92 -2.41 -7.61
N LYS B 75 -37.17 -1.63 -6.56
CA LYS B 75 -37.73 -0.30 -6.70
C LYS B 75 -36.71 0.81 -6.54
N ASN B 76 -35.43 0.47 -6.35
CA ASN B 76 -34.35 1.45 -6.20
C ASN B 76 -34.65 2.45 -5.07
N THR B 77 -35.18 1.94 -3.97
CA THR B 77 -35.60 2.76 -2.85
C THR B 77 -34.95 2.27 -1.57
N VAL B 78 -34.50 3.20 -0.73
CA VAL B 78 -33.84 2.89 0.54
C VAL B 78 -34.73 3.41 1.68
N TYR B 79 -34.96 2.56 2.67
CA TYR B 79 -35.80 2.88 3.82
C TYR B 79 -34.94 2.95 5.07
N LEU B 80 -35.18 3.97 5.90
CA LEU B 80 -34.58 4.09 7.22
C LEU B 80 -35.69 4.10 8.26
N GLN B 81 -35.66 3.13 9.16
CA GLN B 81 -36.65 3.01 10.22
C GLN B 81 -36.08 3.54 11.52
N MET B 82 -36.76 4.49 12.13
CA MET B 82 -36.35 5.09 13.38
C MET B 82 -37.27 4.65 14.51
N ASN B 83 -36.68 4.27 15.64
CA ASN B 83 -37.43 3.92 16.84
C ASN B 83 -36.83 4.64 18.04
N SER B 84 -37.69 4.88 19.04
CA SER B 84 -37.27 5.50 20.29
C SER B 84 -36.56 6.83 20.04
N LEU B 85 -37.21 7.70 19.26
CA LEU B 85 -36.61 8.97 18.89
C LEU B 85 -36.43 9.87 20.12
N LYS B 86 -35.36 10.65 20.10
CA LYS B 86 -34.95 11.52 21.17
C LYS B 86 -34.72 12.92 20.62
N PRO B 87 -34.75 13.94 21.48
CA PRO B 87 -34.71 15.33 20.96
C PRO B 87 -33.49 15.64 20.11
N GLU B 88 -32.34 15.03 20.38
CA GLU B 88 -31.15 15.35 19.58
C GLU B 88 -31.23 14.75 18.18
N ASP B 89 -32.23 13.89 17.92
CA ASP B 89 -32.41 13.36 16.58
C ASP B 89 -33.00 14.38 15.62
N THR B 90 -33.46 15.52 16.13
CA THR B 90 -34.03 16.56 15.27
C THR B 90 -32.96 17.09 14.34
N ALA B 91 -33.11 16.80 13.04
CA ALA B 91 -32.15 17.20 12.02
C ALA B 91 -32.80 16.99 10.66
N VAL B 92 -32.10 17.44 9.62
CA VAL B 92 -32.52 17.23 8.25
C VAL B 92 -31.81 15.99 7.74
N TYR B 93 -32.59 15.00 7.32
CA TYR B 93 -32.06 13.68 6.97
C TYR B 93 -31.89 13.57 5.45
N TYR B 94 -30.75 13.02 5.04
CA TYR B 94 -30.42 12.84 3.63
C TYR B 94 -30.00 11.40 3.38
N CYS B 95 -30.20 10.95 2.15
CA CYS B 95 -29.75 9.64 1.70
C CYS B 95 -28.87 9.82 0.47
N ASN B 96 -27.80 9.02 0.40
CA ASN B 96 -26.93 9.06 -0.78
C ASN B 96 -26.04 7.82 -0.81
N GLU B 97 -24.98 7.84 -1.63
CA GLU B 97 -24.27 6.63 -2.03
C GLU B 97 -23.22 6.16 -1.03
N ALA B 98 -23.20 6.75 0.17
CA ALA B 98 -22.43 6.20 1.29
C ALA B 98 -20.95 6.02 0.99
N GLY B 99 -20.45 4.79 1.12
CA GLY B 99 -19.05 4.48 0.91
C GLY B 99 -18.67 3.10 1.43
N ASP B 100 -17.43 2.95 1.92
CA ASP B 100 -16.97 1.68 2.46
C ASP B 100 -17.19 1.62 3.97
N PRO B 101 -17.90 0.60 4.46
CA PRO B 101 -18.21 0.55 5.90
C PRO B 101 -16.99 0.46 6.80
N PHE B 102 -15.94 -0.24 6.36
CA PHE B 102 -14.77 -0.46 7.22
C PHE B 102 -13.74 0.64 7.05
N LEU B 103 -13.98 1.56 6.11
CA LEU B 103 -13.12 2.73 5.97
C LEU B 103 -13.54 3.80 6.96
N GLY B 104 -12.60 4.31 7.75
CA GLY B 104 -12.92 5.34 8.72
C GLY B 104 -13.14 6.71 8.09
N SER B 105 -12.67 6.91 6.86
CA SER B 105 -12.88 8.18 6.19
C SER B 105 -14.35 8.37 5.83
N THR B 106 -15.06 7.26 5.57
CA THR B 106 -16.48 7.35 5.24
C THR B 106 -17.28 7.85 6.44
N TRP B 107 -16.93 7.40 7.64
CA TRP B 107 -17.64 7.84 8.84
C TRP B 107 -17.09 9.16 9.36
N ASN B 108 -16.01 9.65 8.77
CA ASN B 108 -15.30 10.82 9.30
C ASN B 108 -16.17 12.06 9.31
N GLY B 109 -16.55 12.54 8.14
CA GLY B 109 -17.32 13.76 8.03
C GLY B 109 -18.15 13.82 6.76
N PRO B 110 -18.34 15.03 6.23
CA PRO B 110 -19.08 15.18 4.98
C PRO B 110 -18.40 14.42 3.86
N PRO B 111 -19.13 13.59 3.13
CA PRO B 111 -18.55 12.80 2.04
C PRO B 111 -18.36 13.57 0.74
N ALA B 112 -18.61 14.88 0.74
CA ALA B 112 -18.32 15.75 -0.40
C ALA B 112 -19.02 15.29 -1.67
N PHE B 113 -20.27 14.86 -1.55
CA PHE B 113 -21.11 14.62 -2.71
C PHE B 113 -21.62 15.95 -3.27
N GLY B 114 -21.88 15.94 -4.58
CA GLY B 114 -22.37 17.14 -5.24
C GLY B 114 -23.77 17.00 -5.78
N SER B 115 -24.40 15.85 -5.51
CA SER B 115 -25.74 15.57 -5.98
C SER B 115 -26.76 15.46 -4.84
N TRP B 116 -26.54 16.17 -3.74
CA TRP B 116 -27.46 16.12 -2.61
C TRP B 116 -28.84 16.58 -3.02
N GLY B 117 -29.86 15.86 -2.55
CA GLY B 117 -31.24 16.22 -2.83
C GLY B 117 -31.76 17.26 -1.87
N GLN B 118 -33.08 17.36 -1.81
CA GLN B 118 -33.72 18.31 -0.90
C GLN B 118 -33.67 17.83 0.54
N GLY B 119 -33.74 16.51 0.74
CA GLY B 119 -33.76 15.94 2.07
C GLY B 119 -35.14 16.01 2.70
N THR B 120 -35.21 15.52 3.94
CA THR B 120 -36.46 15.54 4.70
C THR B 120 -36.19 16.10 6.09
N GLN B 121 -37.20 16.74 6.66
CA GLN B 121 -37.05 17.35 7.97
C GLN B 121 -37.72 16.49 9.03
N VAL B 122 -36.95 16.13 10.06
CA VAL B 122 -37.45 15.37 11.19
C VAL B 122 -37.27 16.22 12.44
N THR B 123 -38.36 16.46 13.16
CA THR B 123 -38.34 17.25 14.39
C THR B 123 -38.93 16.42 15.52
N VAL B 124 -38.19 16.31 16.62
CA VAL B 124 -38.63 15.59 17.80
C VAL B 124 -38.92 16.62 18.88
N SER B 125 -40.18 16.76 19.27
CA SER B 125 -40.58 17.74 20.27
C SER B 125 -41.91 17.34 20.92
#